data_3ED0
#
_entry.id   3ED0
#
_cell.length_a   74.204
_cell.length_b   100.397
_cell.length_c   186.431
_cell.angle_alpha   90.000
_cell.angle_beta   90.000
_cell.angle_gamma   90.000
#
_symmetry.space_group_name_H-M   'P 21 21 21'
#
loop_
_entity.id
_entity.type
_entity.pdbx_description
1 polymer '(3R)-hydroxymyristoyl-acyl carrier protein dehydratase'
2 non-polymer BENZAMIDINE
3 non-polymer 'CHLORIDE ION'
4 non-polymer 3-METHYL-1,6,8-TRIHYDROXYANTHRAQUINONE
5 water water
#
_entity_poly.entity_id   1
_entity_poly.type   'polypeptide(L)'
_entity_poly.pdbx_seq_one_letter_code
;MEQSHQNLQSQFFIEHILQILPHRYPMLLVDRITELQANQKIVAYKNITFNEDVFNGHFPNKPIFPGVLIVEGMAQSGGF
LAFTSLWGFDPEIAKTKIVYFMTIDKVKFRIPVTPGDRLEYHLEVLKHKGMIWQVGGTAQVDGKVVAEAELKAMIAERE
;
_entity_poly.pdbx_strand_id   A,B,C,D,E,F
#
loop_
_chem_comp.id
_chem_comp.type
_chem_comp.name
_chem_comp.formula
BEN non-polymer BENZAMIDINE 'C7 H8 N2'
CL non-polymer 'CHLORIDE ION' 'Cl -1'
EMO non-polymer 3-METHYL-1,6,8-TRIHYDROXYANTHRAQUINONE 'C15 H10 O5'
#
# COMPACT_ATOMS: atom_id res chain seq x y z
N LEU A 8 -5.73 37.28 2.24
CA LEU A 8 -4.88 36.05 2.07
C LEU A 8 -3.85 35.90 3.20
N GLN A 9 -3.92 34.79 3.92
CA GLN A 9 -2.97 34.53 5.00
C GLN A 9 -1.61 34.18 4.39
N SER A 10 -0.61 33.96 5.24
CA SER A 10 0.72 33.60 4.77
C SER A 10 1.09 32.20 5.26
N GLN A 11 0.33 31.69 6.23
CA GLN A 11 0.55 30.35 6.76
C GLN A 11 -0.70 29.49 6.52
N PHE A 12 -0.51 28.31 5.95
CA PHE A 12 -1.61 27.38 5.68
C PHE A 12 -1.19 25.98 6.11
N PHE A 13 -2.08 25.25 6.75
CA PHE A 13 -1.77 23.89 7.18
C PHE A 13 -2.39 22.84 6.25
N ILE A 14 -2.09 21.57 6.48
CA ILE A 14 -2.59 20.51 5.62
C ILE A 14 -4.09 20.57 5.37
N GLU A 15 -4.88 20.96 6.37
CA GLU A 15 -6.33 21.05 6.17
C GLU A 15 -6.64 22.06 5.06
N HIS A 16 -5.88 23.16 5.02
CA HIS A 16 -6.08 24.20 4.01
C HIS A 16 -5.57 23.75 2.65
N ILE A 17 -4.42 23.08 2.64
CA ILE A 17 -3.83 22.57 1.41
C ILE A 17 -4.76 21.58 0.70
N LEU A 18 -5.43 20.74 1.49
CA LEU A 18 -6.35 19.75 0.95
C LEU A 18 -7.54 20.40 0.25
N GLN A 19 -7.92 21.59 0.71
CA GLN A 19 -9.05 22.29 0.12
C GLN A 19 -8.69 23.00 -1.19
N ILE A 20 -7.40 23.23 -1.41
CA ILE A 20 -6.94 23.91 -2.60
C ILE A 20 -6.38 22.95 -3.66
N LEU A 21 -5.47 22.07 -3.27
CA LEU A 21 -4.90 21.13 -4.23
C LEU A 21 -5.77 19.89 -4.37
N PRO A 22 -5.87 19.35 -5.60
CA PRO A 22 -6.66 18.15 -5.88
C PRO A 22 -5.88 16.86 -5.60
N HIS A 23 -4.56 16.98 -5.47
CA HIS A 23 -3.69 15.84 -5.20
C HIS A 23 -4.04 15.14 -3.90
N ARG A 24 -3.95 13.81 -3.91
CA ARG A 24 -4.23 13.03 -2.73
C ARG A 24 -3.15 11.95 -2.62
N TYR A 25 -3.19 11.16 -1.55
CA TYR A 25 -2.21 10.10 -1.33
C TYR A 25 -2.20 9.18 -2.54
N PRO A 26 -1.00 8.78 -3.02
CA PRO A 26 0.33 9.12 -2.53
C PRO A 26 1.05 10.19 -3.38
N MET A 27 0.32 11.21 -3.82
CA MET A 27 0.90 12.27 -4.65
C MET A 27 0.68 13.71 -4.13
N LEU A 28 0.29 13.86 -2.88
CA LEU A 28 0.13 15.19 -2.30
C LEU A 28 1.45 15.32 -1.53
N LEU A 29 2.36 16.13 -2.09
CA LEU A 29 3.68 16.27 -1.51
C LEU A 29 4.04 17.60 -0.86
N VAL A 30 3.04 18.25 -0.27
CA VAL A 30 3.25 19.51 0.45
C VAL A 30 2.47 19.38 1.75
N ASP A 31 3.16 19.50 2.89
CA ASP A 31 2.50 19.35 4.18
C ASP A 31 2.10 20.65 4.86
N ARG A 32 2.84 21.72 4.58
CA ARG A 32 2.55 23.00 5.21
C ARG A 32 3.14 24.18 4.42
N ILE A 33 2.53 25.34 4.59
CA ILE A 33 2.98 26.55 3.91
C ILE A 33 3.34 27.58 4.97
N THR A 34 4.61 27.99 5.00
CA THR A 34 5.07 28.94 6.01
C THR A 34 4.99 30.43 5.64
N GLU A 35 5.12 30.74 4.35
CA GLU A 35 4.97 32.12 3.89
C GLU A 35 4.41 32.16 2.48
N LEU A 36 3.66 33.22 2.20
CA LEU A 36 3.02 33.35 0.90
C LEU A 36 2.76 34.83 0.63
N GLN A 37 3.20 35.28 -0.54
CA GLN A 37 2.96 36.63 -1.04
C GLN A 37 2.36 36.55 -2.43
N ALA A 38 1.15 37.05 -2.58
CA ALA A 38 0.45 36.95 -3.84
C ALA A 38 1.26 37.49 -5.03
N ASN A 39 1.31 36.73 -6.10
CA ASN A 39 1.97 37.13 -7.34
C ASN A 39 3.49 37.21 -7.25
N GLN A 40 4.03 36.76 -6.13
CA GLN A 40 5.43 36.97 -5.83
C GLN A 40 6.13 35.70 -5.39
N LYS A 41 5.68 35.12 -4.28
CA LYS A 41 6.31 33.90 -3.84
C LYS A 41 5.60 33.07 -2.79
N ILE A 42 6.14 31.88 -2.57
CA ILE A 42 5.62 30.96 -1.58
C ILE A 42 6.79 30.14 -1.00
N VAL A 43 6.68 29.81 0.28
CA VAL A 43 7.67 28.99 0.95
C VAL A 43 6.86 27.96 1.72
N ALA A 44 7.10 26.70 1.40
CA ALA A 44 6.40 25.60 2.05
C ALA A 44 7.38 24.44 2.21
N TYR A 45 6.90 23.36 2.83
CA TYR A 45 7.75 22.20 3.02
C TYR A 45 6.97 20.91 3.11
N LYS A 46 7.72 19.82 3.02
CA LYS A 46 7.17 18.48 3.13
C LYS A 46 8.14 17.68 3.99
N ASN A 47 7.63 17.07 5.06
CA ASN A 47 8.48 16.26 5.92
C ASN A 47 8.78 14.97 5.19
N ILE A 48 10.00 14.49 5.33
CA ILE A 48 10.41 13.25 4.71
C ILE A 48 10.62 12.26 5.84
N THR A 49 9.91 11.13 5.76
CA THR A 49 9.99 10.09 6.78
C THR A 49 10.16 8.72 6.12
N PHE A 50 10.78 7.79 6.84
CA PHE A 50 10.98 6.45 6.29
C PHE A 50 9.65 5.74 6.08
N ASN A 51 8.62 6.17 6.81
CA ASN A 51 7.30 5.56 6.71
C ASN A 51 6.53 5.97 5.44
N GLU A 52 7.22 6.00 4.30
CA GLU A 52 6.59 6.35 3.04
C GLU A 52 6.81 5.22 2.05
N ASP A 53 5.75 4.79 1.39
CA ASP A 53 5.82 3.68 0.45
C ASP A 53 6.91 3.83 -0.59
N VAL A 54 7.14 5.05 -1.05
CA VAL A 54 8.17 5.30 -2.06
C VAL A 54 9.53 4.71 -1.70
N PHE A 55 9.87 4.70 -0.41
CA PHE A 55 11.16 4.16 0.00
C PHE A 55 11.31 2.65 -0.09
N ASN A 56 10.21 1.93 -0.25
CA ASN A 56 10.31 0.47 -0.39
C ASN A 56 11.12 0.17 -1.65
N GLY A 57 10.97 1.00 -2.66
CA GLY A 57 11.69 0.78 -3.90
C GLY A 57 12.73 1.82 -4.30
N HIS A 58 13.01 2.79 -3.45
CA HIS A 58 13.98 3.81 -3.81
C HIS A 58 14.86 4.31 -2.66
N PHE A 59 15.83 3.51 -2.23
CA PHE A 59 16.12 2.18 -2.77
C PHE A 59 16.18 1.20 -1.59
N PRO A 60 16.05 -0.10 -1.86
CA PRO A 60 16.12 -1.07 -0.75
C PRO A 60 17.40 -0.86 0.04
N ASN A 61 17.27 -0.67 1.35
CA ASN A 61 18.41 -0.45 2.25
C ASN A 61 19.11 0.89 2.09
N LYS A 62 18.61 1.72 1.17
CA LYS A 62 19.21 3.03 0.90
C LYS A 62 18.10 4.01 0.53
N PRO A 63 17.31 4.46 1.52
CA PRO A 63 16.23 5.41 1.24
C PRO A 63 16.63 6.80 0.74
N ILE A 64 16.31 7.09 -0.51
CA ILE A 64 16.60 8.40 -1.10
C ILE A 64 15.27 8.91 -1.66
N PHE A 65 14.91 10.15 -1.33
CA PHE A 65 13.66 10.69 -1.85
C PHE A 65 13.87 11.06 -3.32
N PRO A 66 13.07 10.48 -4.23
CA PRO A 66 13.19 10.75 -5.67
C PRO A 66 13.27 12.22 -6.08
N GLY A 67 14.32 12.56 -6.83
CA GLY A 67 14.49 13.93 -7.30
C GLY A 67 13.26 14.42 -8.05
N VAL A 68 12.67 13.56 -8.88
CA VAL A 68 11.50 13.97 -9.63
C VAL A 68 10.34 14.33 -8.72
N LEU A 69 10.32 13.76 -7.51
CA LEU A 69 9.26 14.07 -6.56
C LEU A 69 9.53 15.42 -5.92
N ILE A 70 10.81 15.76 -5.75
CA ILE A 70 11.18 17.06 -5.19
C ILE A 70 10.64 18.10 -6.16
N VAL A 71 10.84 17.86 -7.45
CA VAL A 71 10.37 18.79 -8.47
C VAL A 71 8.84 18.89 -8.40
N GLU A 72 8.19 17.74 -8.28
CA GLU A 72 6.74 17.66 -8.19
C GLU A 72 6.26 18.49 -6.99
N GLY A 73 7.00 18.40 -5.89
CA GLY A 73 6.65 19.14 -4.70
C GLY A 73 6.77 20.64 -4.93
N MET A 74 7.80 21.06 -5.67
CA MET A 74 7.98 22.47 -5.96
C MET A 74 6.84 22.97 -6.84
N ALA A 75 6.44 22.14 -7.81
CA ALA A 75 5.36 22.49 -8.72
C ALA A 75 4.01 22.66 -8.01
N GLN A 76 3.71 21.77 -7.07
CA GLN A 76 2.46 21.85 -6.33
C GLN A 76 2.45 23.12 -5.50
N SER A 77 3.62 23.49 -4.98
CA SER A 77 3.75 24.71 -4.19
C SER A 77 3.42 25.88 -5.09
N GLY A 78 4.03 25.89 -6.27
CA GLY A 78 3.78 26.95 -7.23
C GLY A 78 2.32 26.99 -7.64
N GLY A 79 1.71 25.83 -7.81
CA GLY A 79 0.32 25.78 -8.21
C GLY A 79 -0.60 26.41 -7.17
N PHE A 80 -0.27 26.19 -5.91
CA PHE A 80 -1.04 26.74 -4.79
C PHE A 80 -0.91 28.26 -4.86
N LEU A 81 0.32 28.71 -5.10
CA LEU A 81 0.63 30.13 -5.20
C LEU A 81 -0.15 30.78 -6.34
N ALA A 82 -0.12 30.13 -7.49
CA ALA A 82 -0.82 30.63 -8.66
C ALA A 82 -2.30 30.79 -8.41
N PHE A 83 -2.94 29.71 -7.95
CA PHE A 83 -4.37 29.73 -7.70
C PHE A 83 -4.77 30.78 -6.68
N THR A 84 -4.15 30.75 -5.51
CA THR A 84 -4.50 31.71 -4.48
C THR A 84 -4.20 33.14 -4.90
N SER A 85 -3.22 33.32 -5.77
CA SER A 85 -2.90 34.67 -6.23
C SER A 85 -4.05 35.24 -7.05
N LEU A 86 -4.81 34.36 -7.68
CA LEU A 86 -5.93 34.76 -8.53
C LEU A 86 -7.32 34.74 -7.89
N TRP A 87 -7.57 33.81 -7.00
CA TRP A 87 -8.89 33.71 -6.36
C TRP A 87 -8.82 33.73 -4.85
N GLY A 88 -7.62 33.87 -4.30
CA GLY A 88 -7.51 33.86 -2.86
C GLY A 88 -7.88 32.45 -2.39
N PHE A 89 -8.10 32.28 -1.09
CA PHE A 89 -8.45 30.97 -0.54
C PHE A 89 -9.91 30.64 -0.85
N ASP A 90 -10.15 30.10 -2.04
CA ASP A 90 -11.51 29.76 -2.49
C ASP A 90 -11.63 28.28 -2.83
N PRO A 91 -11.98 27.44 -1.84
CA PRO A 91 -12.13 25.99 -2.04
C PRO A 91 -13.13 25.61 -3.12
N GLU A 92 -14.25 26.32 -3.18
CA GLU A 92 -15.28 26.03 -4.17
C GLU A 92 -14.77 26.17 -5.60
N ILE A 93 -14.02 27.24 -5.86
CA ILE A 93 -13.48 27.42 -7.21
C ILE A 93 -12.28 26.51 -7.45
N ALA A 94 -11.54 26.18 -6.40
CA ALA A 94 -10.37 25.32 -6.52
C ALA A 94 -10.81 23.94 -7.05
N LYS A 95 -12.01 23.56 -6.67
CA LYS A 95 -12.59 22.28 -7.04
C LYS A 95 -12.92 22.16 -8.53
N THR A 96 -12.85 23.28 -9.25
CA THR A 96 -13.16 23.28 -10.69
C THR A 96 -11.94 23.56 -11.54
N LYS A 97 -10.81 23.80 -10.89
CA LYS A 97 -9.58 24.09 -11.59
C LYS A 97 -8.54 23.00 -11.34
N ILE A 98 -7.54 22.95 -12.21
CA ILE A 98 -6.46 21.98 -12.08
C ILE A 98 -5.24 22.61 -12.75
N VAL A 99 -4.09 22.52 -12.09
CA VAL A 99 -2.85 23.08 -12.63
C VAL A 99 -2.07 21.98 -13.32
N TYR A 100 -1.55 22.28 -14.51
CA TYR A 100 -0.79 21.29 -15.27
C TYR A 100 0.61 21.78 -15.59
N PHE A 101 1.55 20.85 -15.62
CA PHE A 101 2.95 21.11 -15.96
C PHE A 101 2.99 21.34 -17.46
N MET A 102 3.64 22.41 -17.91
CA MET A 102 3.75 22.61 -19.34
C MET A 102 5.21 22.32 -19.68
N THR A 103 6.11 22.93 -18.91
CA THR A 103 7.54 22.73 -19.12
C THR A 103 8.30 22.73 -17.80
N ILE A 104 9.51 22.19 -17.85
CA ILE A 104 10.39 22.13 -16.69
C ILE A 104 11.79 22.33 -17.28
N ASP A 105 12.58 23.21 -16.67
CA ASP A 105 13.92 23.48 -17.15
C ASP A 105 14.88 23.81 -16.04
N LYS A 106 16.17 23.69 -16.35
CA LYS A 106 17.23 24.02 -15.41
C LYS A 106 17.12 23.32 -14.07
N VAL A 107 16.78 22.04 -14.12
CA VAL A 107 16.67 21.25 -12.91
C VAL A 107 18.06 20.74 -12.56
N LYS A 108 18.45 20.93 -11.31
CA LYS A 108 19.75 20.44 -10.88
C LYS A 108 19.59 19.85 -9.48
N PHE A 109 20.10 18.64 -9.29
CA PHE A 109 20.02 17.98 -7.99
C PHE A 109 21.41 18.09 -7.36
N ARG A 110 21.50 18.69 -6.18
CA ARG A 110 22.80 18.88 -5.53
C ARG A 110 23.10 18.00 -4.34
N ILE A 111 22.06 17.68 -3.57
CA ILE A 111 22.22 16.85 -2.37
C ILE A 111 21.04 15.90 -2.20
N PRO A 112 21.31 14.63 -1.88
CA PRO A 112 20.22 13.68 -1.70
C PRO A 112 19.35 13.98 -0.47
N VAL A 113 18.05 13.77 -0.64
CA VAL A 113 17.08 14.00 0.43
C VAL A 113 16.78 12.62 1.05
N THR A 114 16.81 12.55 2.38
CA THR A 114 16.58 11.28 3.07
C THR A 114 15.64 11.43 4.26
N PRO A 115 15.14 10.30 4.77
CA PRO A 115 14.24 10.33 5.93
C PRO A 115 14.85 11.16 7.05
N GLY A 116 14.02 11.98 7.69
CA GLY A 116 14.49 12.85 8.74
C GLY A 116 14.62 14.27 8.25
N ASP A 117 14.70 14.44 6.93
CA ASP A 117 14.83 15.76 6.31
C ASP A 117 13.51 16.54 6.22
N ARG A 118 13.62 17.86 6.29
CA ARG A 118 12.49 18.77 6.17
C ARG A 118 12.72 19.41 4.79
N LEU A 119 12.05 18.89 3.77
CA LEU A 119 12.19 19.40 2.40
C LEU A 119 11.43 20.72 2.21
N GLU A 120 12.17 21.82 2.24
CA GLU A 120 11.59 23.15 2.10
C GLU A 120 11.58 23.69 0.67
N TYR A 121 10.41 24.09 0.19
CA TYR A 121 10.24 24.63 -1.15
C TYR A 121 10.22 26.14 -1.16
N HIS A 122 10.99 26.72 -2.06
CA HIS A 122 11.07 28.18 -2.22
C HIS A 122 10.82 28.49 -3.69
N LEU A 123 9.62 28.94 -4.02
CA LEU A 123 9.29 29.28 -5.39
C LEU A 123 9.00 30.77 -5.52
N GLU A 124 9.49 31.35 -6.60
CA GLU A 124 9.29 32.77 -6.90
C GLU A 124 8.56 32.85 -8.25
N VAL A 125 7.71 33.86 -8.42
CA VAL A 125 6.98 34.05 -9.66
C VAL A 125 7.85 34.86 -10.63
N LEU A 126 8.26 34.22 -11.73
CA LEU A 126 9.10 34.89 -12.71
C LEU A 126 8.27 35.63 -13.73
N LYS A 127 7.10 35.08 -14.04
CA LYS A 127 6.19 35.70 -15.01
C LYS A 127 4.80 35.09 -14.90
N HIS A 128 3.77 35.91 -14.99
CA HIS A 128 2.41 35.39 -14.92
C HIS A 128 1.48 36.23 -15.78
N LYS A 129 0.62 35.55 -16.54
CA LYS A 129 -0.33 36.22 -17.41
C LYS A 129 -1.55 35.32 -17.50
N GLY A 130 -2.61 35.70 -16.80
CA GLY A 130 -3.82 34.90 -16.81
C GLY A 130 -3.59 33.57 -16.13
N MET A 131 -3.91 32.49 -16.85
CA MET A 131 -3.78 31.15 -16.32
C MET A 131 -2.38 30.57 -16.46
N ILE A 132 -1.52 31.30 -17.17
CA ILE A 132 -0.13 30.85 -17.42
C ILE A 132 0.86 31.42 -16.41
N TRP A 133 1.50 30.52 -15.65
CA TRP A 133 2.46 30.93 -14.62
C TRP A 133 3.84 30.27 -14.74
N GLN A 134 4.88 31.10 -14.63
CA GLN A 134 6.26 30.61 -14.69
C GLN A 134 6.89 30.86 -13.35
N VAL A 135 7.30 29.80 -12.67
CA VAL A 135 7.91 29.91 -11.37
C VAL A 135 9.29 29.28 -11.36
N GLY A 136 10.09 29.67 -10.37
CA GLY A 136 11.43 29.13 -10.28
C GLY A 136 11.89 29.25 -8.85
N GLY A 137 12.80 28.38 -8.45
CA GLY A 137 13.28 28.42 -7.09
C GLY A 137 14.13 27.24 -6.71
N THR A 138 14.07 26.88 -5.44
CA THR A 138 14.87 25.79 -4.95
C THR A 138 14.18 24.98 -3.87
N ALA A 139 14.76 23.81 -3.59
CA ALA A 139 14.29 22.95 -2.53
C ALA A 139 15.47 23.00 -1.56
N GLN A 140 15.18 23.23 -0.29
CA GLN A 140 16.25 23.34 0.69
C GLN A 140 16.05 22.47 1.92
N VAL A 141 17.17 22.01 2.46
CA VAL A 141 17.15 21.22 3.68
C VAL A 141 18.14 21.93 4.61
N ASP A 142 17.67 22.32 5.78
CA ASP A 142 18.49 23.01 6.76
C ASP A 142 19.36 24.12 6.12
N GLY A 143 18.72 24.99 5.34
CA GLY A 143 19.42 26.09 4.72
C GLY A 143 20.26 25.83 3.48
N LYS A 144 20.48 24.55 3.15
CA LYS A 144 21.27 24.21 1.96
C LYS A 144 20.39 23.85 0.76
N VAL A 145 20.80 24.32 -0.42
CA VAL A 145 20.05 24.05 -1.64
C VAL A 145 20.30 22.60 -2.07
N VAL A 146 19.24 21.78 -2.05
CA VAL A 146 19.37 20.39 -2.45
C VAL A 146 18.92 20.20 -3.89
N ALA A 147 18.21 21.19 -4.42
CA ALA A 147 17.73 21.14 -5.80
C ALA A 147 17.27 22.52 -6.28
N GLU A 148 17.28 22.70 -7.60
CA GLU A 148 16.86 23.95 -8.24
C GLU A 148 16.01 23.57 -9.43
N ALA A 149 15.10 24.44 -9.82
CA ALA A 149 14.24 24.16 -10.97
C ALA A 149 13.42 25.36 -11.40
N GLU A 150 12.95 25.29 -12.64
CA GLU A 150 12.09 26.30 -13.23
C GLU A 150 11.01 25.53 -13.95
N LEU A 151 9.79 26.06 -13.93
CA LEU A 151 8.70 25.41 -14.62
C LEU A 151 7.59 26.37 -14.95
N LYS A 152 6.86 26.03 -15.99
CA LYS A 152 5.73 26.81 -16.42
C LYS A 152 4.53 25.90 -16.26
N ALA A 153 3.44 26.44 -15.74
CA ALA A 153 2.23 25.65 -15.54
C ALA A 153 1.03 26.41 -16.05
N MET A 154 -0.08 25.69 -16.27
CA MET A 154 -1.30 26.33 -16.71
C MET A 154 -2.42 25.91 -15.77
N ILE A 155 -3.25 26.88 -15.42
CA ILE A 155 -4.41 26.64 -14.56
C ILE A 155 -5.51 26.32 -15.53
N ALA A 156 -5.92 25.05 -15.56
CA ALA A 156 -6.95 24.65 -16.50
C ALA A 156 -8.25 24.21 -15.83
N GLU A 157 -9.27 24.05 -16.66
CA GLU A 157 -10.58 23.60 -16.21
C GLU A 157 -10.48 22.11 -15.89
N ARG A 158 -11.06 21.69 -14.78
CA ARG A 158 -11.02 20.28 -14.43
C ARG A 158 -11.91 19.48 -15.39
N GLU A 159 -12.93 20.13 -15.95
CA GLU A 159 -13.84 19.48 -16.90
C GLU A 159 -14.06 20.31 -18.17
N SER B 10 19.33 -7.22 -27.42
CA SER B 10 18.56 -6.02 -27.88
C SER B 10 17.22 -5.92 -27.15
N GLN B 11 16.64 -7.05 -26.75
CA GLN B 11 15.38 -7.03 -26.02
C GLN B 11 15.55 -7.62 -24.62
N PHE B 12 15.09 -6.90 -23.60
CA PHE B 12 15.21 -7.36 -22.22
C PHE B 12 13.85 -7.35 -21.55
N PHE B 13 13.56 -8.39 -20.79
CA PHE B 13 12.27 -8.45 -20.10
C PHE B 13 12.45 -8.04 -18.65
N ILE B 14 11.35 -7.88 -17.95
CA ILE B 14 11.39 -7.43 -16.56
C ILE B 14 12.43 -8.10 -15.68
N GLU B 15 12.59 -9.42 -15.80
CA GLU B 15 13.56 -10.14 -14.97
C GLU B 15 15.00 -9.70 -15.26
N HIS B 16 15.26 -9.27 -16.49
CA HIS B 16 16.60 -8.79 -16.85
C HIS B 16 16.76 -7.40 -16.25
N ILE B 17 15.72 -6.59 -16.39
CA ILE B 17 15.73 -5.23 -15.88
C ILE B 17 16.00 -5.24 -14.39
N LEU B 18 15.30 -6.12 -13.66
CA LEU B 18 15.47 -6.23 -12.22
C LEU B 18 16.91 -6.53 -11.80
N GLN B 19 17.69 -7.12 -12.69
CA GLN B 19 19.09 -7.45 -12.40
C GLN B 19 20.06 -6.29 -12.66
N ILE B 20 19.62 -5.28 -13.39
CA ILE B 20 20.50 -4.15 -13.67
C ILE B 20 20.16 -2.93 -12.82
N LEU B 21 18.88 -2.57 -12.80
CA LEU B 21 18.43 -1.41 -12.02
C LEU B 21 18.15 -1.77 -10.56
N PRO B 22 18.52 -0.88 -9.63
CA PRO B 22 18.30 -1.09 -8.20
C PRO B 22 16.86 -0.73 -7.79
N HIS B 23 16.20 0.03 -8.64
CA HIS B 23 14.82 0.46 -8.38
C HIS B 23 13.91 -0.74 -8.18
N ARG B 24 13.01 -0.63 -7.21
CA ARG B 24 12.05 -1.69 -6.94
C ARG B 24 10.69 -1.02 -6.76
N TYR B 25 9.65 -1.81 -6.52
CA TYR B 25 8.32 -1.28 -6.34
C TYR B 25 8.26 -0.30 -5.18
N PRO B 26 7.55 0.83 -5.35
CA PRO B 26 6.80 1.24 -6.53
C PRO B 26 7.51 2.32 -7.33
N MET B 27 8.82 2.17 -7.51
CA MET B 27 9.60 3.16 -8.26
C MET B 27 10.37 2.61 -9.45
N LEU B 28 10.05 1.38 -9.88
CA LEU B 28 10.70 0.79 -11.06
C LEU B 28 9.67 1.03 -12.17
N LEU B 29 9.96 2.03 -13.00
CA LEU B 29 9.02 2.43 -14.04
C LEU B 29 9.34 2.02 -15.48
N VAL B 30 10.01 0.88 -15.66
CA VAL B 30 10.33 0.37 -16.98
C VAL B 30 9.98 -1.11 -16.96
N ASP B 31 9.09 -1.55 -17.84
CA ASP B 31 8.68 -2.96 -17.87
C ASP B 31 9.42 -3.82 -18.88
N ARG B 32 9.81 -3.26 -20.02
CA ARG B 32 10.48 -4.05 -21.04
C ARG B 32 11.32 -3.17 -21.94
N ILE B 33 12.40 -3.74 -22.47
CA ILE B 33 13.30 -3.03 -23.36
C ILE B 33 13.21 -3.70 -24.74
N THR B 34 12.79 -2.93 -25.74
CA THR B 34 12.62 -3.46 -27.08
C THR B 34 13.77 -3.20 -28.03
N GLU B 35 14.54 -2.15 -27.78
CA GLU B 35 15.66 -1.82 -28.66
C GLU B 35 16.82 -1.23 -27.89
N LEU B 36 18.04 -1.60 -28.28
CA LEU B 36 19.22 -1.09 -27.62
C LEU B 36 20.51 -1.15 -28.46
N GLN B 37 21.03 0.02 -28.80
CA GLN B 37 22.29 0.16 -29.50
C GLN B 37 23.27 0.86 -28.59
N ALA B 38 24.35 0.18 -28.25
CA ALA B 38 25.33 0.72 -27.31
C ALA B 38 25.92 2.05 -27.74
N ASN B 39 26.08 2.95 -26.78
CA ASN B 39 26.53 4.33 -27.01
C ASN B 39 25.61 5.17 -27.89
N GLN B 40 24.45 4.62 -28.23
CA GLN B 40 23.62 5.20 -29.28
C GLN B 40 22.18 5.47 -28.82
N LYS B 41 21.39 4.42 -28.62
CA LYS B 41 20.02 4.64 -28.18
C LYS B 41 19.32 3.46 -27.54
N ILE B 42 18.11 3.74 -27.05
CA ILE B 42 17.30 2.74 -26.41
C ILE B 42 15.83 3.06 -26.61
N VAL B 43 15.02 2.00 -26.70
CA VAL B 43 13.59 2.14 -26.82
C VAL B 43 13.06 1.11 -25.82
N ALA B 44 12.28 1.59 -24.86
CA ALA B 44 11.71 0.73 -23.85
C ALA B 44 10.33 1.26 -23.52
N TYR B 45 9.58 0.54 -22.70
CA TYR B 45 8.27 1.02 -22.35
C TYR B 45 7.77 0.54 -20.98
N LYS B 46 6.70 1.19 -20.55
CA LYS B 46 6.05 0.86 -19.30
C LYS B 46 4.56 0.88 -19.60
N ASN B 47 3.87 -0.19 -19.22
CA ASN B 47 2.44 -0.26 -19.41
C ASN B 47 1.78 0.58 -18.32
N ILE B 48 0.73 1.31 -18.69
CA ILE B 48 0.03 2.12 -17.71
C ILE B 48 -1.32 1.48 -17.50
N THR B 49 -1.63 1.16 -16.25
CA THR B 49 -2.88 0.52 -15.90
C THR B 49 -3.52 1.24 -14.72
N PHE B 50 -4.82 1.10 -14.57
CA PHE B 50 -5.50 1.73 -13.45
C PHE B 50 -5.07 1.10 -12.13
N ASN B 51 -4.68 -0.17 -12.18
CA ASN B 51 -4.27 -0.91 -11.01
C ASN B 51 -2.92 -0.48 -10.41
N GLU B 52 -2.65 0.82 -10.45
CA GLU B 52 -1.42 1.35 -9.89
C GLU B 52 -1.77 2.30 -8.76
N ASP B 53 -1.04 2.16 -7.66
CA ASP B 53 -1.27 2.98 -6.48
C ASP B 53 -1.30 4.49 -6.72
N VAL B 54 -0.40 5.01 -7.56
CA VAL B 54 -0.37 6.45 -7.84
C VAL B 54 -1.73 7.04 -8.23
N PHE B 55 -2.54 6.25 -8.91
CA PHE B 55 -3.83 6.74 -9.37
C PHE B 55 -4.84 7.00 -8.27
N ASN B 56 -4.53 6.61 -7.05
CA ASN B 56 -5.43 6.88 -5.94
C ASN B 56 -5.40 8.39 -5.69
N GLY B 57 -4.27 9.04 -5.97
CA GLY B 57 -4.18 10.46 -5.71
C GLY B 57 -3.80 11.37 -6.88
N HIS B 58 -3.78 10.83 -8.08
CA HIS B 58 -3.40 11.64 -9.23
C HIS B 58 -4.19 11.28 -10.49
N PHE B 59 -5.48 11.59 -10.52
CA PHE B 59 -6.17 12.25 -9.41
C PHE B 59 -7.46 11.49 -9.14
N PRO B 60 -8.10 11.76 -7.98
CA PRO B 60 -9.36 11.06 -7.66
C PRO B 60 -10.38 11.36 -8.78
N ASN B 61 -10.98 10.32 -9.33
CA ASN B 61 -11.97 10.47 -10.40
C ASN B 61 -11.37 10.90 -11.75
N LYS B 62 -10.05 10.99 -11.84
CA LYS B 62 -9.39 11.35 -13.11
C LYS B 62 -7.95 10.86 -13.11
N PRO B 63 -7.74 9.60 -13.51
CA PRO B 63 -6.39 9.02 -13.54
C PRO B 63 -5.44 9.54 -14.61
N ILE B 64 -4.37 10.20 -14.17
CA ILE B 64 -3.38 10.75 -15.08
C ILE B 64 -1.98 10.42 -14.58
N PHE B 65 -1.22 9.67 -15.35
CA PHE B 65 0.13 9.30 -14.97
C PHE B 65 0.93 10.59 -14.78
N PRO B 66 1.56 10.77 -13.60
CA PRO B 66 2.34 11.99 -13.34
C PRO B 66 3.42 12.29 -14.38
N GLY B 67 3.47 13.54 -14.81
CA GLY B 67 4.48 13.96 -15.77
C GLY B 67 5.90 13.73 -15.27
N VAL B 68 6.14 13.95 -13.97
CA VAL B 68 7.46 13.74 -13.42
C VAL B 68 7.85 12.26 -13.43
N LEU B 69 6.86 11.39 -13.34
CA LEU B 69 7.15 9.97 -13.35
C LEU B 69 7.47 9.53 -14.77
N ILE B 70 6.96 10.28 -15.75
CA ILE B 70 7.26 9.97 -17.15
C ILE B 70 8.75 10.27 -17.32
N VAL B 71 9.17 11.40 -16.76
CA VAL B 71 10.56 11.81 -16.82
C VAL B 71 11.44 10.80 -16.07
N GLU B 72 10.92 10.27 -14.97
CA GLU B 72 11.66 9.28 -14.19
C GLU B 72 11.89 8.02 -15.02
N GLY B 73 10.85 7.63 -15.78
CA GLY B 73 10.93 6.45 -16.62
C GLY B 73 11.94 6.64 -17.74
N MET B 74 12.07 7.86 -18.23
CA MET B 74 13.02 8.16 -19.28
C MET B 74 14.43 8.07 -18.69
N ALA B 75 14.58 8.55 -17.46
CA ALA B 75 15.86 8.52 -16.77
C ALA B 75 16.32 7.09 -16.54
N GLN B 76 15.43 6.24 -16.05
CA GLN B 76 15.76 4.85 -15.83
C GLN B 76 16.18 4.20 -17.14
N SER B 77 15.47 4.54 -18.22
CA SER B 77 15.82 3.98 -19.53
C SER B 77 17.22 4.45 -19.92
N GLY B 78 17.48 5.73 -19.71
CA GLY B 78 18.76 6.31 -20.03
C GLY B 78 19.90 5.69 -19.23
N GLY B 79 19.68 5.50 -17.94
CA GLY B 79 20.69 4.90 -17.09
C GLY B 79 20.97 3.47 -17.48
N PHE B 80 19.93 2.75 -17.93
CA PHE B 80 20.08 1.37 -18.37
C PHE B 80 20.94 1.36 -19.63
N LEU B 81 20.71 2.37 -20.47
CA LEU B 81 21.45 2.52 -21.71
C LEU B 81 22.92 2.78 -21.40
N ALA B 82 23.18 3.78 -20.57
CA ALA B 82 24.55 4.13 -20.21
C ALA B 82 25.28 2.97 -19.55
N PHE B 83 24.60 2.28 -18.64
CA PHE B 83 25.23 1.17 -17.96
C PHE B 83 25.59 0.02 -18.90
N THR B 84 24.60 -0.50 -19.62
CA THR B 84 24.84 -1.61 -20.51
C THR B 84 25.78 -1.29 -21.67
N SER B 85 25.89 -0.01 -22.02
CA SER B 85 26.78 0.39 -23.12
C SER B 85 28.23 0.13 -22.72
N LEU B 86 28.53 0.45 -21.45
CA LEU B 86 29.86 0.31 -20.91
C LEU B 86 30.19 -1.10 -20.41
N TRP B 87 29.24 -1.73 -19.73
CA TRP B 87 29.48 -3.05 -19.15
C TRP B 87 28.59 -4.20 -19.64
N GLY B 88 27.69 -3.96 -20.58
CA GLY B 88 26.83 -5.03 -21.05
C GLY B 88 25.86 -5.51 -19.98
N PHE B 89 25.29 -6.69 -20.17
CA PHE B 89 24.37 -7.23 -19.19
C PHE B 89 25.16 -7.94 -18.09
N ASP B 90 25.61 -7.16 -17.11
CA ASP B 90 26.40 -7.70 -16.02
C ASP B 90 25.78 -7.40 -14.66
N PRO B 91 24.98 -8.34 -14.12
CA PRO B 91 24.35 -8.16 -12.81
C PRO B 91 25.37 -7.87 -11.72
N GLU B 92 26.46 -8.63 -11.72
CA GLU B 92 27.52 -8.47 -10.73
C GLU B 92 28.06 -7.05 -10.66
N ILE B 93 28.55 -6.54 -11.79
CA ILE B 93 29.08 -5.19 -11.82
C ILE B 93 27.95 -4.21 -11.47
N ALA B 94 26.76 -4.46 -11.98
CA ALA B 94 25.63 -3.58 -11.72
C ALA B 94 25.50 -3.23 -10.23
N LYS B 95 25.63 -4.23 -9.36
CA LYS B 95 25.51 -4.01 -7.93
C LYS B 95 26.57 -3.06 -7.35
N THR B 96 27.69 -2.90 -8.07
CA THR B 96 28.76 -2.03 -7.58
C THR B 96 28.67 -0.61 -8.11
N LYS B 97 27.77 -0.37 -9.05
CA LYS B 97 27.64 0.96 -9.62
C LYS B 97 26.27 1.59 -9.38
N ILE B 98 26.25 2.91 -9.32
CA ILE B 98 24.99 3.60 -9.15
C ILE B 98 24.94 4.74 -10.16
N VAL B 99 23.78 4.87 -10.79
CA VAL B 99 23.60 5.92 -11.78
C VAL B 99 22.58 6.92 -11.27
N TYR B 100 23.06 8.08 -10.81
CA TYR B 100 22.13 9.11 -10.35
C TYR B 100 22.13 10.27 -11.36
N PHE B 101 21.04 11.03 -11.39
CA PHE B 101 20.93 12.14 -12.32
C PHE B 101 21.25 13.50 -11.73
N MET B 102 22.13 14.22 -12.42
CA MET B 102 22.58 15.52 -11.99
C MET B 102 21.65 16.64 -12.45
N THR B 103 21.23 16.56 -13.70
CA THR B 103 20.35 17.59 -14.25
C THR B 103 19.30 17.00 -15.17
N ILE B 104 18.32 17.85 -15.46
CA ILE B 104 17.20 17.55 -16.34
C ILE B 104 16.85 18.89 -16.95
N ASP B 105 16.66 18.95 -18.26
CA ASP B 105 16.35 20.21 -18.90
C ASP B 105 15.49 19.98 -20.15
N LYS B 106 14.92 21.07 -20.67
CA LYS B 106 14.08 21.03 -21.86
C LYS B 106 12.91 20.05 -21.76
N VAL B 107 12.25 20.01 -20.61
CA VAL B 107 11.12 19.10 -20.48
C VAL B 107 9.84 19.75 -20.97
N LYS B 108 9.09 19.01 -21.79
CA LYS B 108 7.82 19.49 -22.33
C LYS B 108 6.79 18.37 -22.31
N PHE B 109 5.59 18.68 -21.80
CA PHE B 109 4.51 17.71 -21.75
C PHE B 109 3.47 18.17 -22.75
N ARG B 110 3.12 17.29 -23.67
CA ARG B 110 2.15 17.65 -24.70
C ARG B 110 0.82 16.95 -24.59
N ILE B 111 0.85 15.69 -24.17
CA ILE B 111 -0.37 14.90 -24.06
C ILE B 111 -0.42 14.11 -22.74
N PRO B 112 -1.59 14.06 -22.10
CA PRO B 112 -1.69 13.32 -20.84
C PRO B 112 -1.65 11.80 -21.08
N VAL B 113 -1.01 11.08 -20.16
CA VAL B 113 -0.91 9.63 -20.24
C VAL B 113 -1.91 9.06 -19.25
N THR B 114 -2.66 8.05 -19.67
CA THR B 114 -3.69 7.48 -18.82
C THR B 114 -3.73 5.96 -18.89
N PRO B 115 -4.45 5.31 -17.97
CA PRO B 115 -4.55 3.85 -17.95
C PRO B 115 -4.93 3.32 -19.34
N GLY B 116 -4.22 2.29 -19.80
CA GLY B 116 -4.49 1.72 -21.10
C GLY B 116 -3.40 2.05 -22.10
N ASP B 117 -2.63 3.09 -21.77
CA ASP B 117 -1.54 3.52 -22.63
C ASP B 117 -0.26 2.71 -22.41
N ARG B 118 0.46 2.51 -23.51
CA ARG B 118 1.74 1.85 -23.49
C ARG B 118 2.72 3.02 -23.60
N LEU B 119 3.31 3.42 -22.48
CA LEU B 119 4.25 4.55 -22.47
C LEU B 119 5.64 4.13 -22.96
N GLU B 120 5.97 4.56 -24.18
CA GLU B 120 7.25 4.21 -24.80
C GLU B 120 8.33 5.26 -24.62
N TYR B 121 9.51 4.82 -24.20
CA TYR B 121 10.64 5.72 -23.98
C TYR B 121 11.65 5.65 -25.12
N HIS B 122 11.97 6.80 -25.70
CA HIS B 122 12.93 6.90 -26.80
C HIS B 122 14.05 7.87 -26.42
N LEU B 123 15.16 7.32 -25.95
CA LEU B 123 16.32 8.12 -25.55
C LEU B 123 17.53 7.81 -26.42
N GLU B 124 18.34 8.84 -26.67
CA GLU B 124 19.55 8.67 -27.45
C GLU B 124 20.69 9.34 -26.70
N VAL B 125 21.91 8.89 -26.93
CA VAL B 125 23.07 9.48 -26.27
C VAL B 125 23.45 10.79 -26.97
N LEU B 126 23.20 11.92 -26.32
CA LEU B 126 23.55 13.21 -26.92
C LEU B 126 25.06 13.36 -26.90
N LYS B 127 25.67 13.03 -25.76
CA LYS B 127 27.12 13.08 -25.62
C LYS B 127 27.53 12.41 -24.30
N HIS B 128 28.80 12.00 -24.23
CA HIS B 128 29.31 11.35 -23.04
C HIS B 128 30.82 11.50 -22.96
N LYS B 129 31.30 11.69 -21.74
CA LYS B 129 32.72 11.82 -21.47
C LYS B 129 32.96 11.16 -20.13
N GLY B 130 33.73 10.08 -20.12
CA GLY B 130 33.99 9.39 -18.88
C GLY B 130 32.70 8.83 -18.32
N MET B 131 32.41 9.16 -17.07
CA MET B 131 31.20 8.65 -16.43
C MET B 131 30.02 9.62 -16.50
N ILE B 132 30.20 10.73 -17.19
CA ILE B 132 29.13 11.73 -17.35
C ILE B 132 28.44 11.46 -18.68
N TRP B 133 27.16 11.11 -18.63
CA TRP B 133 26.39 10.80 -19.83
C TRP B 133 25.17 11.69 -20.00
N GLN B 134 25.03 12.27 -21.19
CA GLN B 134 23.89 13.14 -21.50
C GLN B 134 22.99 12.44 -22.52
N VAL B 135 21.77 12.14 -22.10
CA VAL B 135 20.81 11.50 -22.98
C VAL B 135 19.61 12.41 -23.19
N GLY B 136 18.84 12.12 -24.23
CA GLY B 136 17.68 12.94 -24.52
C GLY B 136 16.75 12.23 -25.47
N GLY B 137 15.51 12.66 -25.51
CA GLY B 137 14.55 12.04 -26.40
C GLY B 137 13.12 12.36 -26.05
N THR B 138 12.23 11.38 -26.26
CA THR B 138 10.82 11.56 -26.01
C THR B 138 10.13 10.37 -25.39
N ALA B 139 8.88 10.59 -24.97
CA ALA B 139 8.02 9.57 -24.41
C ALA B 139 6.87 9.55 -25.42
N GLN B 140 6.51 8.36 -25.89
CA GLN B 140 5.49 8.23 -26.92
C GLN B 140 4.38 7.24 -26.61
N VAL B 141 3.19 7.57 -27.07
CA VAL B 141 2.01 6.73 -26.90
C VAL B 141 1.40 6.56 -28.27
N ASP B 142 1.43 5.34 -28.79
CA ASP B 142 0.88 5.04 -30.10
C ASP B 142 1.43 5.95 -31.21
N GLY B 143 2.74 6.14 -31.23
CA GLY B 143 3.37 6.96 -32.25
C GLY B 143 3.41 8.47 -32.06
N LYS B 144 2.75 8.99 -31.02
CA LYS B 144 2.75 10.43 -30.77
C LYS B 144 3.67 10.82 -29.61
N VAL B 145 4.30 12.00 -29.73
CA VAL B 145 5.17 12.48 -28.68
C VAL B 145 4.32 13.06 -27.56
N VAL B 146 4.35 12.45 -26.39
CA VAL B 146 3.57 12.95 -25.26
C VAL B 146 4.43 13.76 -24.30
N ALA B 147 5.74 13.65 -24.44
CA ALA B 147 6.67 14.36 -23.60
C ALA B 147 8.09 14.30 -24.18
N GLU B 148 8.92 15.25 -23.78
CA GLU B 148 10.31 15.27 -24.24
C GLU B 148 11.18 15.79 -23.12
N ALA B 149 12.44 15.40 -23.11
CA ALA B 149 13.36 15.82 -22.07
C ALA B 149 14.81 15.47 -22.36
N GLU B 150 15.71 16.17 -21.69
CA GLU B 150 17.13 15.94 -21.80
C GLU B 150 17.60 15.74 -20.37
N LEU B 151 18.47 14.76 -20.16
CA LEU B 151 18.96 14.48 -18.82
C LEU B 151 20.44 14.17 -18.83
N LYS B 152 21.12 14.51 -17.75
CA LYS B 152 22.55 14.25 -17.62
C LYS B 152 22.75 13.39 -16.39
N ALA B 153 23.41 12.25 -16.56
CA ALA B 153 23.63 11.36 -15.45
C ALA B 153 25.10 11.13 -15.21
N MET B 154 25.42 10.66 -14.02
CA MET B 154 26.78 10.33 -13.68
C MET B 154 26.80 8.93 -13.11
N ILE B 155 27.77 8.13 -13.53
CA ILE B 155 27.91 6.77 -13.06
C ILE B 155 28.99 6.74 -11.99
N ALA B 156 28.63 6.23 -10.82
CA ALA B 156 29.58 6.18 -9.72
C ALA B 156 29.58 4.81 -9.03
N GLU B 157 30.47 4.66 -8.06
CA GLU B 157 30.58 3.42 -7.29
C GLU B 157 29.54 3.43 -6.17
N ARG B 158 28.88 2.29 -5.95
CA ARG B 158 27.88 2.22 -4.90
C ARG B 158 28.61 2.50 -3.57
N GLU B 159 27.94 3.19 -2.66
CA GLU B 159 28.54 3.53 -1.36
C GLU B 159 28.77 2.26 -0.54
N GLN C 9 -29.63 -2.88 18.71
CA GLN C 9 -29.28 -4.32 18.42
C GLN C 9 -28.18 -4.77 19.37
N SER C 10 -27.85 -6.07 19.31
CA SER C 10 -26.79 -6.62 20.15
C SER C 10 -25.61 -7.10 19.29
N GLN C 11 -25.87 -7.44 18.03
CA GLN C 11 -24.78 -7.88 17.13
C GLN C 11 -24.67 -6.96 15.90
N PHE C 12 -23.49 -6.40 15.69
CA PHE C 12 -23.29 -5.51 14.55
C PHE C 12 -22.17 -6.01 13.66
N PHE C 13 -22.38 -5.95 12.35
CA PHE C 13 -21.38 -6.40 11.40
C PHE C 13 -20.56 -5.22 10.89
N ILE C 14 -19.59 -5.53 10.03
CA ILE C 14 -18.70 -4.50 9.51
C ILE C 14 -19.42 -3.33 8.85
N GLU C 15 -20.52 -3.58 8.15
CA GLU C 15 -21.21 -2.47 7.52
C GLU C 15 -21.86 -1.55 8.57
N HIS C 16 -22.19 -2.10 9.73
CA HIS C 16 -22.77 -1.30 10.81
C HIS C 16 -21.66 -0.53 11.50
N ILE C 17 -20.52 -1.18 11.69
CA ILE C 17 -19.38 -0.56 12.35
C ILE C 17 -18.89 0.63 11.54
N LEU C 18 -18.91 0.49 10.22
CA LEU C 18 -18.47 1.54 9.31
C LEU C 18 -19.32 2.81 9.41
N GLN C 19 -20.57 2.66 9.79
CA GLN C 19 -21.46 3.81 9.88
C GLN C 19 -21.37 4.54 11.22
N ILE C 20 -20.72 3.94 12.21
CA ILE C 20 -20.60 4.57 13.51
C ILE C 20 -19.19 5.12 13.76
N LEU C 21 -18.19 4.32 13.44
CA LEU C 21 -16.81 4.73 13.63
C LEU C 21 -16.30 5.49 12.41
N PRO C 22 -15.48 6.53 12.62
CA PRO C 22 -14.93 7.31 11.53
C PRO C 22 -13.70 6.64 10.91
N HIS C 23 -13.05 5.76 11.69
CA HIS C 23 -11.86 5.05 11.23
C HIS C 23 -12.09 4.28 9.94
N ARG C 24 -11.07 4.26 9.09
CA ARG C 24 -11.11 3.54 7.83
C ARG C 24 -9.76 2.84 7.67
N TYR C 25 -9.60 2.09 6.58
CA TYR C 25 -8.36 1.37 6.32
C TYR C 25 -7.18 2.35 6.24
N PRO C 26 -6.03 2.01 6.83
CA PRO C 26 -5.69 0.79 7.58
C PRO C 26 -5.76 0.97 9.10
N MET C 27 -6.78 1.67 9.58
CA MET C 27 -6.90 1.91 11.01
C MET C 27 -8.23 1.53 11.65
N LEU C 28 -9.07 0.80 10.91
CA LEU C 28 -10.34 0.34 11.47
C LEU C 28 -9.97 -1.08 11.93
N LEU C 29 -9.86 -1.25 13.25
CA LEU C 29 -9.44 -2.52 13.80
C LEU C 29 -10.47 -3.31 14.58
N VAL C 30 -11.71 -3.25 14.11
CA VAL C 30 -12.82 -3.98 14.72
C VAL C 30 -13.66 -4.52 13.58
N ASP C 31 -13.72 -5.84 13.45
CA ASP C 31 -14.47 -6.46 12.37
C ASP C 31 -15.92 -6.81 12.68
N ARG C 32 -16.23 -7.12 13.93
CA ARG C 32 -17.61 -7.50 14.27
C ARG C 32 -17.88 -7.35 15.77
N ILE C 33 -19.11 -6.98 16.11
CA ILE C 33 -19.53 -6.81 17.50
C ILE C 33 -20.42 -8.01 17.86
N THR C 34 -20.04 -8.81 18.84
CA THR C 34 -20.83 -9.99 19.22
C THR C 34 -21.78 -9.77 20.41
N GLU C 35 -21.43 -8.83 21.30
CA GLU C 35 -22.25 -8.50 22.47
C GLU C 35 -22.20 -7.00 22.79
N LEU C 36 -23.34 -6.45 23.20
CA LEU C 36 -23.40 -5.04 23.54
C LEU C 36 -24.48 -4.75 24.57
N GLN C 37 -24.06 -4.35 25.78
CA GLN C 37 -24.99 -3.99 26.84
C GLN C 37 -24.80 -2.50 27.12
N ALA C 38 -25.75 -1.69 26.66
CA ALA C 38 -25.69 -0.25 26.86
C ALA C 38 -25.19 0.17 28.25
N ASN C 39 -24.18 1.03 28.29
CA ASN C 39 -23.61 1.53 29.55
C ASN C 39 -22.91 0.48 30.41
N GLN C 40 -22.80 -0.75 29.92
CA GLN C 40 -22.17 -1.79 30.71
C GLN C 40 -20.93 -2.43 30.09
N LYS C 41 -21.10 -3.11 28.96
CA LYS C 41 -19.97 -3.79 28.35
C LYS C 41 -20.16 -4.11 26.88
N ILE C 42 -19.05 -4.40 26.21
CA ILE C 42 -19.07 -4.75 24.79
C ILE C 42 -18.08 -5.86 24.51
N VAL C 43 -18.48 -6.79 23.65
CA VAL C 43 -17.61 -7.88 23.22
C VAL C 43 -17.57 -7.80 21.71
N ALA C 44 -16.37 -7.70 21.15
CA ALA C 44 -16.25 -7.60 19.71
C ALA C 44 -14.94 -8.24 19.33
N TYR C 45 -14.66 -8.30 18.03
CA TYR C 45 -13.40 -8.90 17.61
C TYR C 45 -12.87 -8.47 16.25
N LYS C 46 -11.60 -8.79 16.05
CA LYS C 46 -10.91 -8.50 14.81
C LYS C 46 -10.10 -9.73 14.44
N ASN C 47 -10.27 -10.20 13.22
CA ASN C 47 -9.51 -11.33 12.74
C ASN C 47 -8.11 -10.85 12.40
N ILE C 48 -7.13 -11.70 12.67
CA ILE C 48 -5.74 -11.42 12.39
C ILE C 48 -5.32 -12.35 11.26
N THR C 49 -4.92 -11.76 10.13
CA THR C 49 -4.50 -12.53 8.96
C THR C 49 -3.15 -12.01 8.48
N PHE C 50 -2.36 -12.87 7.85
CA PHE C 50 -1.06 -12.44 7.35
C PHE C 50 -1.22 -11.41 6.23
N ASN C 51 -2.36 -11.45 5.55
CA ASN C 51 -2.64 -10.53 4.46
C ASN C 51 -2.94 -9.10 4.91
N GLU C 52 -2.22 -8.63 5.94
CA GLU C 52 -2.38 -7.27 6.46
C GLU C 52 -1.03 -6.56 6.27
N ASP C 53 -1.07 -5.34 5.73
CA ASP C 53 0.15 -4.57 5.44
C ASP C 53 1.13 -4.42 6.61
N VAL C 54 0.61 -4.23 7.82
CA VAL C 54 1.50 -4.09 8.98
C VAL C 54 2.45 -5.27 9.19
N PHE C 55 2.08 -6.46 8.73
CA PHE C 55 2.97 -7.61 8.92
C PHE C 55 4.21 -7.54 8.02
N ASN C 56 4.20 -6.64 7.05
CA ASN C 56 5.36 -6.48 6.19
C ASN C 56 6.53 -5.99 7.01
N GLY C 57 6.26 -5.17 8.02
CA GLY C 57 7.35 -4.66 8.81
C GLY C 57 7.36 -5.00 10.29
N HIS C 58 6.45 -5.87 10.74
CA HIS C 58 6.38 -6.21 12.16
C HIS C 58 6.04 -7.68 12.41
N PHE C 59 7.00 -8.58 12.21
CA PHE C 59 8.36 -8.29 11.77
C PHE C 59 8.65 -9.24 10.61
N PRO C 60 9.63 -8.90 9.75
CA PRO C 60 9.95 -9.79 8.62
C PRO C 60 10.22 -11.20 9.15
N ASN C 61 9.54 -12.19 8.58
CA ASN C 61 9.69 -13.59 8.97
C ASN C 61 9.22 -13.93 10.39
N LYS C 62 8.57 -12.96 11.04
CA LYS C 62 8.05 -13.17 12.39
C LYS C 62 6.85 -12.23 12.55
N PRO C 63 5.69 -12.60 11.96
CA PRO C 63 4.45 -11.83 12.00
C PRO C 63 3.87 -11.74 13.40
N ILE C 64 3.95 -10.56 14.00
CA ILE C 64 3.41 -10.35 15.33
C ILE C 64 2.54 -9.10 15.33
N PHE C 65 1.26 -9.27 15.59
CA PHE C 65 0.34 -8.13 15.61
C PHE C 65 0.85 -7.15 16.66
N PRO C 66 1.06 -5.89 16.25
CA PRO C 66 1.55 -4.88 17.19
C PRO C 66 0.69 -4.75 18.45
N GLY C 67 1.37 -4.74 19.60
CA GLY C 67 0.68 -4.61 20.87
C GLY C 67 -0.09 -3.30 20.94
N VAL C 68 0.45 -2.23 20.36
CA VAL C 68 -0.22 -0.95 20.38
C VAL C 68 -1.51 -0.95 19.58
N LEU C 69 -1.60 -1.81 18.56
CA LEU C 69 -2.81 -1.88 17.76
C LEU C 69 -3.88 -2.71 18.48
N ILE C 70 -3.46 -3.58 19.39
CA ILE C 70 -4.42 -4.36 20.16
C ILE C 70 -5.15 -3.33 21.05
N VAL C 71 -4.36 -2.43 21.64
CA VAL C 71 -4.92 -1.39 22.49
C VAL C 71 -5.83 -0.46 21.68
N GLU C 72 -5.39 -0.13 20.46
CA GLU C 72 -6.19 0.74 19.59
C GLU C 72 -7.53 0.08 19.29
N GLY C 73 -7.50 -1.24 19.09
CA GLY C 73 -8.72 -1.98 18.82
C GLY C 73 -9.64 -1.97 20.03
N MET C 74 -9.04 -2.08 21.21
CA MET C 74 -9.80 -2.05 22.43
C MET C 74 -10.43 -0.66 22.58
N ALA C 75 -9.67 0.37 22.19
CA ALA C 75 -10.14 1.75 22.27
C ALA C 75 -11.33 1.98 21.33
N GLN C 76 -11.23 1.41 20.13
CA GLN C 76 -12.31 1.56 19.17
C GLN C 76 -13.57 0.89 19.74
N SER C 77 -13.40 -0.27 20.36
CA SER C 77 -14.53 -0.98 20.93
C SER C 77 -15.19 -0.14 22.02
N GLY C 78 -14.38 0.48 22.87
CA GLY C 78 -14.92 1.32 23.91
C GLY C 78 -15.68 2.48 23.31
N GLY C 79 -15.11 3.07 22.27
CA GLY C 79 -15.76 4.19 21.60
C GLY C 79 -17.13 3.81 21.07
N PHE C 80 -17.22 2.66 20.41
CA PHE C 80 -18.49 2.19 19.87
C PHE C 80 -19.49 2.00 21.01
N LEU C 81 -19.00 1.46 22.12
CA LEU C 81 -19.84 1.23 23.29
C LEU C 81 -20.37 2.56 23.80
N ALA C 82 -19.46 3.50 24.07
CA ALA C 82 -19.85 4.81 24.56
C ALA C 82 -20.88 5.43 23.62
N PHE C 83 -20.53 5.55 22.35
CA PHE C 83 -21.46 6.16 21.39
C PHE C 83 -22.83 5.52 21.32
N THR C 84 -22.87 4.20 21.18
CA THR C 84 -24.15 3.50 21.09
C THR C 84 -24.94 3.65 22.39
N SER C 85 -24.25 3.74 23.52
CA SER C 85 -24.91 3.91 24.81
C SER C 85 -25.67 5.24 24.84
N LEU C 86 -25.06 6.26 24.25
CA LEU C 86 -25.64 7.60 24.20
C LEU C 86 -26.76 7.79 23.19
N TRP C 87 -26.54 7.33 21.95
CA TRP C 87 -27.50 7.52 20.89
C TRP C 87 -27.95 6.28 20.13
N GLY C 88 -27.47 5.11 20.54
CA GLY C 88 -27.85 3.89 19.84
C GLY C 88 -27.22 3.85 18.45
N PHE C 89 -27.76 3.03 17.56
CA PHE C 89 -27.22 2.94 16.21
C PHE C 89 -27.75 4.10 15.36
N ASP C 90 -27.08 5.23 15.45
CA ASP C 90 -27.48 6.43 14.72
C ASP C 90 -26.33 6.94 13.85
N PRO C 91 -26.23 6.45 12.61
CA PRO C 91 -25.18 6.85 11.65
C PRO C 91 -25.09 8.35 11.42
N GLU C 92 -26.25 9.01 11.41
CA GLU C 92 -26.34 10.44 11.18
C GLU C 92 -25.69 11.26 12.30
N ILE C 93 -26.05 10.95 13.55
CA ILE C 93 -25.47 11.65 14.68
C ILE C 93 -23.99 11.27 14.84
N ALA C 94 -23.64 10.05 14.41
CA ALA C 94 -22.25 9.59 14.51
C ALA C 94 -21.31 10.51 13.75
N LYS C 95 -21.77 11.00 12.61
CA LYS C 95 -20.98 11.90 11.77
C LYS C 95 -20.67 13.24 12.42
N THR C 96 -21.37 13.56 13.51
CA THR C 96 -21.15 14.85 14.18
C THR C 96 -20.39 14.75 15.52
N LYS C 97 -19.88 13.56 15.83
CA LYS C 97 -19.17 13.35 17.09
C LYS C 97 -17.76 12.79 16.88
N ILE C 98 -16.93 12.92 17.92
CA ILE C 98 -15.59 12.36 17.91
C ILE C 98 -15.32 11.92 19.33
N VAL C 99 -14.49 10.89 19.49
CA VAL C 99 -14.13 10.38 20.81
C VAL C 99 -12.62 10.54 20.96
N TYR C 100 -12.17 11.61 21.62
CA TYR C 100 -10.72 11.78 21.80
C TYR C 100 -10.27 10.88 22.96
N PHE C 101 -9.25 10.08 22.74
CA PHE C 101 -8.76 9.26 23.83
C PHE C 101 -7.68 10.07 24.54
N MET C 102 -7.93 10.32 25.81
CA MET C 102 -7.07 11.13 26.63
C MET C 102 -5.93 10.37 27.29
N THR C 103 -6.24 9.21 27.85
CA THR C 103 -5.21 8.42 28.52
C THR C 103 -5.33 6.92 28.30
N ILE C 104 -4.24 6.23 28.60
CA ILE C 104 -4.15 4.77 28.50
C ILE C 104 -3.36 4.35 29.74
N ASP C 105 -3.83 3.32 30.43
CA ASP C 105 -3.13 2.88 31.64
C ASP C 105 -3.20 1.39 31.89
N LYS C 106 -2.34 0.92 32.79
CA LYS C 106 -2.29 -0.48 33.19
C LYS C 106 -2.35 -1.48 32.04
N VAL C 107 -1.56 -1.25 31.01
CA VAL C 107 -1.56 -2.16 29.88
C VAL C 107 -0.55 -3.27 30.15
N LYS C 108 -0.93 -4.51 29.86
CA LYS C 108 -0.04 -5.64 30.06
C LYS C 108 -0.25 -6.61 28.91
N PHE C 109 0.84 -7.06 28.28
CA PHE C 109 0.76 -8.02 27.19
C PHE C 109 1.29 -9.34 27.71
N ARG C 110 0.45 -10.37 27.69
CA ARG C 110 0.85 -11.67 28.22
C ARG C 110 1.20 -12.71 27.16
N ILE C 111 0.55 -12.64 26.00
CA ILE C 111 0.78 -13.58 24.92
C ILE C 111 0.77 -12.87 23.57
N PRO C 112 1.76 -13.15 22.71
CA PRO C 112 1.81 -12.49 21.39
C PRO C 112 0.60 -12.89 20.55
N VAL C 113 0.19 -12.00 19.65
CA VAL C 113 -0.95 -12.24 18.76
C VAL C 113 -0.37 -12.43 17.36
N THR C 114 -0.87 -13.43 16.63
CA THR C 114 -0.33 -13.71 15.30
C THR C 114 -1.41 -14.05 14.26
N PRO C 115 -1.02 -14.08 12.98
CA PRO C 115 -2.00 -14.41 11.93
C PRO C 115 -2.69 -15.72 12.29
N GLY C 116 -4.01 -15.76 12.13
CA GLY C 116 -4.75 -16.97 12.45
C GLY C 116 -5.56 -16.83 13.73
N ASP C 117 -5.19 -15.85 14.55
CA ASP C 117 -5.89 -15.60 15.81
C ASP C 117 -7.14 -14.75 15.63
N ARG C 118 -8.11 -14.97 16.50
CA ARG C 118 -9.35 -14.21 16.51
C ARG C 118 -9.21 -13.32 17.75
N LEU C 119 -8.80 -12.07 17.56
CA LEU C 119 -8.59 -11.17 18.70
C LEU C 119 -9.92 -10.61 19.19
N GLU C 120 -10.35 -11.09 20.34
CA GLU C 120 -11.62 -10.70 20.95
C GLU C 120 -11.44 -9.62 22.02
N TYR C 121 -12.14 -8.51 21.84
CA TYR C 121 -12.06 -7.39 22.78
C TYR C 121 -13.18 -7.46 23.83
N HIS C 122 -12.79 -7.39 25.09
CA HIS C 122 -13.76 -7.41 26.17
C HIS C 122 -13.60 -6.13 26.97
N LEU C 123 -14.55 -5.22 26.82
CA LEU C 123 -14.49 -3.96 27.52
C LEU C 123 -15.76 -3.66 28.29
N GLU C 124 -15.62 -2.97 29.41
CA GLU C 124 -16.76 -2.62 30.26
C GLU C 124 -16.57 -1.19 30.77
N VAL C 125 -17.67 -0.48 31.00
CA VAL C 125 -17.61 0.89 31.48
C VAL C 125 -17.13 0.90 32.93
N LEU C 126 -16.03 1.60 33.20
CA LEU C 126 -15.49 1.67 34.54
C LEU C 126 -16.04 2.88 35.27
N LYS C 127 -16.25 3.96 34.52
CA LYS C 127 -16.77 5.19 35.11
C LYS C 127 -17.22 6.11 34.00
N HIS C 128 -18.40 6.71 34.16
CA HIS C 128 -18.93 7.64 33.17
C HIS C 128 -19.46 8.90 33.86
N LYS C 129 -18.71 9.99 33.74
CA LYS C 129 -19.09 11.26 34.32
C LYS C 129 -19.10 12.34 33.25
N GLY C 130 -20.30 12.72 32.82
CA GLY C 130 -20.43 13.74 31.80
C GLY C 130 -19.93 13.27 30.44
N MET C 131 -19.05 14.07 29.85
CA MET C 131 -18.48 13.76 28.54
C MET C 131 -17.31 12.79 28.64
N ILE C 132 -16.93 12.42 29.86
CA ILE C 132 -15.80 11.53 30.09
C ILE C 132 -16.17 10.07 30.34
N TRP C 133 -15.62 9.19 29.52
CA TRP C 133 -15.87 7.77 29.66
C TRP C 133 -14.58 7.04 30.00
N GLN C 134 -14.65 6.14 30.97
CA GLN C 134 -13.49 5.35 31.37
C GLN C 134 -13.82 3.88 31.19
N VAL C 135 -13.07 3.23 30.32
CA VAL C 135 -13.29 1.81 30.04
C VAL C 135 -12.06 0.97 30.31
N GLY C 136 -12.29 -0.31 30.57
CA GLY C 136 -11.19 -1.21 30.86
C GLY C 136 -11.59 -2.61 30.51
N GLY C 137 -10.61 -3.46 30.26
CA GLY C 137 -10.93 -4.83 29.93
C GLY C 137 -9.75 -5.62 29.43
N THR C 138 -10.04 -6.62 28.61
CA THR C 138 -8.99 -7.46 28.09
C THR C 138 -9.19 -7.80 26.63
N ALA C 139 -8.15 -8.38 26.05
CA ALA C 139 -8.17 -8.84 24.67
C ALA C 139 -7.92 -10.32 24.88
N GLN C 140 -8.64 -11.18 24.16
CA GLN C 140 -8.45 -12.61 24.34
C GLN C 140 -8.40 -13.40 23.05
N VAL C 141 -7.65 -14.49 23.08
CA VAL C 141 -7.54 -15.37 21.94
C VAL C 141 -7.91 -16.75 22.45
N ASP C 142 -8.99 -17.31 21.91
CA ASP C 142 -9.45 -18.62 22.34
C ASP C 142 -9.57 -18.79 23.87
N GLY C 143 -10.25 -17.85 24.53
CA GLY C 143 -10.41 -17.95 25.97
C GLY C 143 -9.31 -17.43 26.87
N LYS C 144 -8.08 -17.37 26.39
CA LYS C 144 -6.95 -16.88 27.20
C LYS C 144 -6.80 -15.36 27.10
N VAL C 145 -6.48 -14.71 28.23
CA VAL C 145 -6.26 -13.27 28.23
C VAL C 145 -4.91 -13.04 27.57
N VAL C 146 -4.91 -12.20 26.54
CA VAL C 146 -3.69 -11.91 25.80
C VAL C 146 -3.13 -10.54 26.13
N ALA C 147 -4.01 -9.65 26.59
CA ALA C 147 -3.63 -8.30 26.97
C ALA C 147 -4.74 -7.67 27.80
N GLU C 148 -4.39 -6.62 28.53
CA GLU C 148 -5.37 -5.92 29.34
C GLU C 148 -4.98 -4.45 29.33
N ALA C 149 -5.96 -3.56 29.52
CA ALA C 149 -5.69 -2.12 29.53
C ALA C 149 -6.87 -1.31 30.00
N GLU C 150 -6.59 -0.09 30.44
CA GLU C 150 -7.62 0.83 30.87
C GLU C 150 -7.48 2.04 29.98
N LEU C 151 -8.60 2.67 29.63
CA LEU C 151 -8.57 3.83 28.76
C LEU C 151 -9.64 4.83 29.13
N LYS C 152 -9.35 6.10 28.92
CA LYS C 152 -10.30 7.16 29.21
C LYS C 152 -10.42 8.00 27.97
N ALA C 153 -11.65 8.38 27.66
CA ALA C 153 -11.94 9.18 26.49
C ALA C 153 -12.98 10.26 26.81
N MET C 154 -13.04 11.27 25.95
CA MET C 154 -14.00 12.35 26.09
C MET C 154 -14.84 12.46 24.83
N ILE C 155 -16.14 12.69 24.99
CA ILE C 155 -17.02 12.84 23.85
C ILE C 155 -17.11 14.32 23.53
N ALA C 156 -17.17 14.64 22.24
CA ALA C 156 -17.27 16.03 21.80
C ALA C 156 -17.82 16.12 20.39
N GLU C 157 -18.17 17.34 19.97
CA GLU C 157 -18.68 17.60 18.63
C GLU C 157 -17.54 17.56 17.62
N ARG C 158 -17.76 16.94 16.46
CA ARG C 158 -16.71 16.88 15.45
C ARG C 158 -16.50 18.26 14.86
N LEU D 8 30.91 4.67 20.95
CA LEU D 8 29.51 4.84 20.43
C LEU D 8 29.23 6.34 20.23
N GLN D 9 28.74 6.69 19.05
CA GLN D 9 28.44 8.09 18.74
C GLN D 9 27.09 8.50 19.32
N SER D 10 26.65 9.73 19.02
CA SER D 10 25.38 10.23 19.55
C SER D 10 24.35 10.50 18.46
N GLN D 11 24.78 10.59 17.21
CA GLN D 11 23.85 10.81 16.09
C GLN D 11 23.85 9.62 15.15
N PHE D 12 22.66 9.12 14.85
CA PHE D 12 22.51 8.00 13.94
C PHE D 12 21.40 8.36 12.98
N PHE D 13 21.64 8.08 11.70
CA PHE D 13 20.66 8.39 10.68
C PHE D 13 19.89 7.13 10.31
N ILE D 14 18.88 7.27 9.46
CA ILE D 14 18.05 6.14 9.08
C ILE D 14 18.82 4.86 8.68
N GLU D 15 19.94 4.99 7.97
CA GLU D 15 20.67 3.78 7.59
C GLU D 15 21.26 3.06 8.80
N HIS D 16 21.49 3.79 9.88
CA HIS D 16 22.03 3.19 11.09
C HIS D 16 20.89 2.51 11.86
N ILE D 17 19.74 3.19 11.92
CA ILE D 17 18.57 2.67 12.61
C ILE D 17 18.12 1.34 11.99
N LEU D 18 18.23 1.27 10.66
CA LEU D 18 17.86 0.08 9.89
C LEU D 18 18.73 -1.11 10.30
N GLN D 19 19.99 -0.84 10.64
CA GLN D 19 20.92 -1.90 11.02
C GLN D 19 20.77 -2.38 12.46
N ILE D 20 19.99 -1.66 13.27
CA ILE D 20 19.79 -2.04 14.66
C ILE D 20 18.36 -2.53 14.94
N LEU D 21 17.36 -1.71 14.62
CA LEU D 21 15.96 -2.10 14.87
C LEU D 21 15.46 -3.08 13.82
N PRO D 22 14.65 -4.05 14.24
CA PRO D 22 14.12 -5.05 13.31
C PRO D 22 12.86 -4.55 12.58
N HIS D 23 12.28 -3.47 13.07
CA HIS D 23 11.07 -2.92 12.46
C HIS D 23 11.32 -2.45 11.04
N ARG D 24 10.37 -2.74 10.16
CA ARG D 24 10.45 -2.30 8.78
C ARG D 24 9.10 -1.66 8.42
N TYR D 25 9.00 -1.12 7.21
CA TYR D 25 7.77 -0.48 6.75
C TYR D 25 6.59 -1.46 6.84
N PRO D 26 5.41 -0.99 7.27
CA PRO D 26 5.08 0.37 7.69
C PRO D 26 5.07 0.51 9.21
N MET D 27 6.08 -0.04 9.88
CA MET D 27 6.13 0.03 11.33
C MET D 27 7.45 0.50 11.94
N LEU D 28 8.32 1.02 11.12
CA LEU D 28 9.53 1.66 11.59
C LEU D 28 9.31 3.16 11.69
N LEU D 29 9.26 3.65 12.92
CA LEU D 29 8.62 4.92 13.20
C LEU D 29 9.60 5.81 13.93
N VAL D 30 10.88 5.55 13.72
CA VAL D 30 11.95 6.46 14.09
C VAL D 30 12.76 6.80 12.85
N ASP D 31 13.00 8.08 12.61
CA ASP D 31 13.78 8.46 11.44
C ASP D 31 15.22 8.83 11.73
N ARG D 32 15.48 9.43 12.88
CA ARG D 32 16.83 9.87 13.22
C ARG D 32 17.05 9.92 14.73
N ILE D 33 18.30 9.72 15.16
CA ILE D 33 18.64 9.76 16.58
C ILE D 33 19.49 11.01 16.77
N THR D 34 19.07 11.92 17.64
CA THR D 34 19.80 13.16 17.82
C THR D 34 20.67 13.25 19.07
N GLU D 35 20.43 12.36 20.03
CA GLU D 35 21.20 12.39 21.28
C GLU D 35 21.08 11.03 21.96
N LEU D 36 22.19 10.51 22.46
CA LEU D 36 22.17 9.21 23.12
C LEU D 36 23.24 9.04 24.18
N GLN D 37 22.82 8.65 25.38
CA GLN D 37 23.70 8.39 26.52
C GLN D 37 23.42 6.98 27.00
N ALA D 38 24.40 6.07 26.96
CA ALA D 38 24.23 4.64 27.12
C ALA D 38 23.60 4.41 28.53
N ASN D 39 22.58 3.51 28.50
CA ASN D 39 21.85 3.24 29.79
C ASN D 39 21.27 4.35 30.46
N GLN D 40 21.17 5.56 29.89
CA GLN D 40 20.54 6.70 30.51
C GLN D 40 19.37 7.32 29.75
N LYS D 41 19.65 7.87 28.57
CA LYS D 41 18.60 8.52 27.80
C LYS D 41 18.82 8.60 26.30
N ILE D 42 17.76 8.96 25.59
CA ILE D 42 17.83 9.12 24.15
C ILE D 42 16.83 10.14 23.64
N VAL D 43 17.23 10.86 22.59
CA VAL D 43 16.38 11.85 21.95
C VAL D 43 16.42 11.52 20.47
N ALA D 44 15.25 11.23 19.91
CA ALA D 44 15.16 10.89 18.49
C ALA D 44 13.90 11.56 17.97
N TYR D 45 13.63 11.38 16.68
CA TYR D 45 12.42 11.96 16.12
C TYR D 45 12.00 11.27 14.84
N LYS D 46 10.72 11.45 14.52
CA LYS D 46 10.14 10.91 13.31
C LYS D 46 9.36 12.05 12.66
N ASN D 47 9.64 12.32 11.38
CA ASN D 47 8.93 13.37 10.68
C ASN D 47 7.53 12.86 10.34
N ILE D 48 6.56 13.75 10.44
CA ILE D 48 5.18 13.39 10.12
C ILE D 48 4.81 14.07 8.82
N THR D 49 4.41 13.26 7.83
CA THR D 49 4.03 13.77 6.52
C THR D 49 2.67 13.22 6.10
N PHE D 50 1.98 13.95 5.22
CA PHE D 50 0.68 13.51 4.76
C PHE D 50 0.84 12.24 3.92
N ASN D 51 2.02 12.09 3.32
CA ASN D 51 2.29 10.95 2.47
C ASN D 51 2.54 9.63 3.19
N GLU D 52 1.71 9.34 4.20
CA GLU D 52 1.81 8.10 4.96
C GLU D 52 0.47 7.38 4.87
N ASP D 53 0.51 6.09 4.52
CA ASP D 53 -0.69 5.28 4.36
C ASP D 53 -1.66 5.36 5.53
N VAL D 54 -1.13 5.32 6.74
CA VAL D 54 -1.97 5.38 7.93
C VAL D 54 -3.00 6.52 7.88
N PHE D 55 -2.65 7.65 7.28
CA PHE D 55 -3.57 8.77 7.20
C PHE D 55 -4.80 8.54 6.33
N ASN D 56 -4.76 7.52 5.48
CA ASN D 56 -5.90 7.21 4.63
C ASN D 56 -7.09 6.82 5.49
N GLY D 57 -6.83 6.25 6.66
CA GLY D 57 -7.92 5.85 7.53
C GLY D 57 -7.99 6.51 8.88
N HIS D 58 -7.15 7.51 9.14
CA HIS D 58 -7.13 8.15 10.45
C HIS D 58 -6.81 9.67 10.42
N PHE D 59 -7.74 10.48 9.93
CA PHE D 59 -9.03 10.03 9.40
C PHE D 59 -9.29 10.73 8.07
N PRO D 60 -10.29 10.25 7.33
CA PRO D 60 -10.58 10.90 6.05
C PRO D 60 -10.86 12.38 6.24
N ASN D 61 -10.17 13.20 5.46
CA ASN D 61 -10.31 14.67 5.51
C ASN D 61 -9.88 15.28 6.84
N LYS D 62 -9.04 14.58 7.59
CA LYS D 62 -8.59 15.07 8.89
C LYS D 62 -7.44 14.20 9.39
N PRO D 63 -6.24 14.37 8.82
CA PRO D 63 -5.08 13.59 9.22
C PRO D 63 -4.60 13.84 10.65
N ILE D 64 -4.66 12.79 11.46
CA ILE D 64 -4.22 12.83 12.87
C ILE D 64 -3.34 11.60 13.13
N PHE D 65 -2.06 11.81 13.43
CA PHE D 65 -1.17 10.70 13.70
C PHE D 65 -1.66 9.98 14.95
N PRO D 66 -2.00 8.69 14.84
CA PRO D 66 -2.49 7.85 15.93
C PRO D 66 -1.67 7.91 17.22
N GLY D 67 -2.34 8.20 18.32
CA GLY D 67 -1.68 8.26 19.61
C GLY D 67 -0.91 6.99 19.94
N VAL D 68 -1.49 5.82 19.63
CA VAL D 68 -0.82 4.56 19.90
C VAL D 68 0.46 4.41 19.08
N LEU D 69 0.51 5.04 17.91
CA LEU D 69 1.71 4.97 17.09
C LEU D 69 2.78 5.85 17.70
N ILE D 70 2.37 6.93 18.38
CA ILE D 70 3.33 7.81 19.06
C ILE D 70 4.02 6.99 20.16
N VAL D 71 3.25 6.19 20.89
CA VAL D 71 3.79 5.36 21.95
C VAL D 71 4.74 4.33 21.33
N GLU D 72 4.32 3.76 20.21
CA GLU D 72 5.14 2.79 19.50
C GLU D 72 6.48 3.42 19.16
N GLY D 73 6.44 4.66 18.66
CA GLY D 73 7.66 5.36 18.32
C GLY D 73 8.59 5.55 19.50
N MET D 74 8.03 5.87 20.66
CA MET D 74 8.82 6.05 21.86
C MET D 74 9.45 4.71 22.26
N ALA D 75 8.68 3.64 22.06
CA ALA D 75 9.14 2.30 22.38
C ALA D 75 10.36 1.94 21.52
N GLN D 76 10.28 2.22 20.22
CA GLN D 76 11.38 1.90 19.31
C GLN D 76 12.64 2.69 19.66
N SER D 77 12.46 3.93 20.10
CA SER D 77 13.57 4.77 20.49
C SER D 77 14.20 4.13 21.72
N GLY D 78 13.36 3.68 22.64
CA GLY D 78 13.83 3.02 23.84
C GLY D 78 14.58 1.77 23.45
N GLY D 79 13.99 0.97 22.56
CA GLY D 79 14.64 -0.25 22.11
C GLY D 79 16.00 0.01 21.47
N PHE D 80 16.12 1.13 20.79
CA PHE D 80 17.40 1.47 20.14
C PHE D 80 18.45 1.78 21.20
N LEU D 81 18.03 2.47 22.26
CA LEU D 81 18.92 2.83 23.35
C LEU D 81 19.35 1.57 24.09
N ALA D 82 18.36 0.74 24.39
CA ALA D 82 18.59 -0.51 25.08
C ALA D 82 19.65 -1.34 24.37
N PHE D 83 19.42 -1.63 23.08
CA PHE D 83 20.36 -2.45 22.33
C PHE D 83 21.77 -1.89 22.22
N THR D 84 21.91 -0.63 21.79
CA THR D 84 23.23 -0.05 21.66
C THR D 84 23.93 0.05 23.02
N SER D 85 23.14 0.08 24.08
CA SER D 85 23.70 0.13 25.44
C SER D 85 24.40 -1.18 25.77
N LEU D 86 23.78 -2.30 25.40
CA LEU D 86 24.33 -3.62 25.69
C LEU D 86 25.32 -4.18 24.67
N TRP D 87 25.17 -3.81 23.40
CA TRP D 87 26.04 -4.33 22.33
C TRP D 87 26.68 -3.28 21.44
N GLY D 88 26.44 -2.01 21.71
CA GLY D 88 27.00 -0.96 20.88
C GLY D 88 26.42 -1.08 19.49
N PHE D 89 26.99 -0.38 18.51
CA PHE D 89 26.47 -0.48 17.15
C PHE D 89 26.93 -1.81 16.56
N ASP D 90 26.12 -2.85 16.74
CA ASP D 90 26.45 -4.19 16.25
C ASP D 90 25.33 -4.79 15.39
N PRO D 91 25.35 -4.54 14.07
CA PRO D 91 24.33 -5.07 13.16
C PRO D 91 24.27 -6.60 13.18
N GLU D 92 25.42 -7.22 13.42
CA GLU D 92 25.52 -8.67 13.46
C GLU D 92 24.58 -9.25 14.52
N ILE D 93 24.73 -8.81 15.75
CA ILE D 93 23.87 -9.32 16.81
C ILE D 93 22.50 -8.67 16.73
N ALA D 94 22.42 -7.51 16.09
CA ALA D 94 21.13 -6.83 15.99
C ALA D 94 20.12 -7.65 15.23
N LYS D 95 20.55 -8.41 14.23
CA LYS D 95 19.57 -9.17 13.47
C LYS D 95 19.12 -10.49 14.10
N THR D 96 19.63 -10.79 15.29
CA THR D 96 19.22 -12.01 15.99
C THR D 96 18.24 -11.66 17.11
N LYS D 97 17.60 -10.50 17.02
CA LYS D 97 16.68 -10.09 18.08
C LYS D 97 15.46 -9.34 17.58
N ILE D 98 14.43 -9.32 18.41
CA ILE D 98 13.22 -8.56 18.15
C ILE D 98 12.90 -7.96 19.52
N VAL D 99 11.91 -7.07 19.56
CA VAL D 99 11.56 -6.43 20.82
C VAL D 99 10.12 -6.77 21.12
N TYR D 100 9.80 -6.94 22.39
CA TYR D 100 8.44 -7.24 22.78
C TYR D 100 7.95 -6.24 23.80
N PHE D 101 6.75 -5.71 23.58
CA PHE D 101 6.14 -4.78 24.51
C PHE D 101 5.65 -5.63 25.66
N MET D 102 5.97 -5.24 26.89
CA MET D 102 5.51 -5.99 28.07
C MET D 102 4.39 -5.23 28.78
N THR D 103 4.58 -3.93 28.97
CA THR D 103 3.58 -3.10 29.63
C THR D 103 3.62 -1.66 29.14
N ILE D 104 2.54 -0.94 29.40
CA ILE D 104 2.45 0.48 29.03
C ILE D 104 1.66 1.13 30.16
N ASP D 105 2.12 2.27 30.65
CA ASP D 105 1.44 2.97 31.74
C ASP D 105 1.59 4.48 31.67
N LYS D 106 0.71 5.17 32.40
CA LYS D 106 0.73 6.63 32.50
C LYS D 106 0.80 7.34 31.16
N VAL D 107 0.01 6.90 30.19
CA VAL D 107 -0.01 7.51 28.87
C VAL D 107 -1.00 8.67 28.79
N LYS D 108 -0.54 9.83 28.35
CA LYS D 108 -1.38 11.02 28.21
C LYS D 108 -1.21 11.62 26.81
N PHE D 109 -2.33 11.94 26.18
CA PHE D 109 -2.32 12.54 24.85
C PHE D 109 -2.82 13.97 25.02
N ARG D 110 -1.90 14.94 25.02
CA ARG D 110 -2.27 16.34 25.22
C ARG D 110 -2.54 17.18 23.98
N ILE D 111 -1.73 16.98 22.93
CA ILE D 111 -1.89 17.75 21.70
C ILE D 111 -1.88 16.82 20.47
N PRO D 112 -2.88 16.96 19.59
CA PRO D 112 -2.91 16.11 18.40
C PRO D 112 -1.70 16.37 17.49
N VAL D 113 -1.15 15.30 16.92
CA VAL D 113 0.00 15.40 16.03
C VAL D 113 -0.49 15.32 14.59
N THR D 114 -0.01 16.23 13.74
CA THR D 114 -0.45 16.27 12.36
C THR D 114 0.67 16.42 11.33
N PRO D 115 0.36 16.17 10.05
CA PRO D 115 1.36 16.29 8.98
C PRO D 115 2.09 17.64 9.06
N GLY D 116 3.42 17.59 8.95
CA GLY D 116 4.22 18.80 9.02
C GLY D 116 4.91 18.91 10.35
N ASP D 117 4.50 18.09 11.31
CA ASP D 117 5.09 18.07 12.65
C ASP D 117 6.33 17.19 12.70
N ARG D 118 7.29 17.61 13.51
CA ARG D 118 8.51 16.85 13.75
C ARG D 118 8.27 16.24 15.14
N LEU D 119 7.86 14.98 15.18
CA LEU D 119 7.58 14.29 16.43
C LEU D 119 8.88 13.89 17.11
N GLU D 120 9.24 14.62 18.16
CA GLU D 120 10.47 14.38 18.90
C GLU D 120 10.23 13.48 20.11
N TYR D 121 11.02 12.40 20.21
CA TYR D 121 10.92 11.44 21.30
C TYR D 121 11.99 11.69 22.37
N HIS D 122 11.56 11.80 23.62
CA HIS D 122 12.48 12.01 24.74
C HIS D 122 12.25 10.91 25.77
N LEU D 123 13.22 10.00 25.88
CA LEU D 123 13.10 8.91 26.82
C LEU D 123 14.32 8.74 27.70
N GLU D 124 14.08 8.35 28.94
CA GLU D 124 15.15 8.10 29.88
C GLU D 124 14.94 6.71 30.45
N VAL D 125 16.01 6.08 30.89
CA VAL D 125 15.90 4.74 31.46
C VAL D 125 15.45 4.82 32.92
N LEU D 126 14.31 4.20 33.21
CA LEU D 126 13.79 4.20 34.57
C LEU D 126 14.38 3.03 35.33
N LYS D 127 14.57 1.93 34.62
CA LYS D 127 15.13 0.70 35.19
C LYS D 127 15.51 -0.24 34.06
N HIS D 128 16.45 -1.14 34.33
CA HIS D 128 16.88 -2.08 33.31
C HIS D 128 17.78 -3.17 33.90
N LYS D 129 17.47 -4.42 33.55
CA LYS D 129 18.25 -5.56 34.00
C LYS D 129 18.14 -6.62 32.93
N GLY D 130 19.30 -7.03 32.40
CA GLY D 130 19.30 -8.02 31.35
C GLY D 130 18.64 -7.43 30.12
N MET D 131 17.73 -8.18 29.53
CA MET D 131 17.04 -7.74 28.32
C MET D 131 15.80 -6.90 28.64
N ILE D 132 15.45 -6.78 29.91
CA ILE D 132 14.25 -6.04 30.33
C ILE D 132 14.52 -4.56 30.59
N TRP D 133 14.01 -3.71 29.69
CA TRP D 133 14.21 -2.27 29.81
C TRP D 133 12.92 -1.51 30.09
N GLN D 134 12.99 -0.60 31.06
CA GLN D 134 11.84 0.21 31.42
C GLN D 134 12.17 1.69 31.20
N VAL D 135 11.51 2.28 30.22
CA VAL D 135 11.73 3.69 29.89
C VAL D 135 10.45 4.52 30.03
N GLY D 136 10.62 5.83 30.13
CA GLY D 136 9.51 6.75 30.27
C GLY D 136 9.93 8.11 29.79
N GLY D 137 8.98 8.91 29.32
CA GLY D 137 9.33 10.23 28.85
C GLY D 137 8.20 10.96 28.15
N THR D 138 8.55 11.71 27.12
CA THR D 138 7.56 12.47 26.38
C THR D 138 7.81 12.47 24.89
N ALA D 139 6.81 12.97 24.15
CA ALA D 139 6.87 13.12 22.71
C ALA D 139 6.62 14.62 22.58
N GLN D 140 7.47 15.31 21.84
CA GLN D 140 7.34 16.74 21.71
C GLN D 140 7.35 17.26 20.28
N VAL D 141 6.69 18.40 20.08
CA VAL D 141 6.61 19.07 18.80
C VAL D 141 6.87 20.54 19.09
N ASP D 142 7.92 21.11 18.48
CA ASP D 142 8.27 22.50 18.72
C ASP D 142 8.37 22.77 20.21
N GLY D 143 9.13 21.92 20.91
CA GLY D 143 9.32 22.08 22.35
C GLY D 143 8.11 21.92 23.27
N LYS D 144 6.95 21.54 22.75
CA LYS D 144 5.76 21.35 23.58
C LYS D 144 5.44 19.88 23.78
N VAL D 145 4.97 19.51 24.97
CA VAL D 145 4.65 18.13 25.25
C VAL D 145 3.32 17.75 24.60
N VAL D 146 3.43 16.84 23.65
CA VAL D 146 2.30 16.34 22.88
C VAL D 146 1.77 15.05 23.50
N ALA D 147 2.63 14.32 24.19
CA ALA D 147 2.22 13.08 24.81
C ALA D 147 3.22 12.64 25.86
N GLU D 148 2.74 11.83 26.79
CA GLU D 148 3.57 11.30 27.88
C GLU D 148 3.32 9.81 27.94
N ALA D 149 4.34 9.03 28.31
CA ALA D 149 4.18 7.59 28.42
C ALA D 149 5.32 6.91 29.17
N GLU D 150 5.02 5.72 29.67
CA GLU D 150 5.95 4.87 30.38
C GLU D 150 5.73 3.48 29.81
N LEU D 151 6.81 2.76 29.51
CA LEU D 151 6.65 1.44 28.95
C LEU D 151 7.82 0.54 29.28
N LYS D 152 7.57 -0.76 29.26
CA LYS D 152 8.62 -1.74 29.53
C LYS D 152 8.69 -2.70 28.35
N ALA D 153 9.89 -2.96 27.88
CA ALA D 153 10.07 -3.86 26.77
C ALA D 153 11.13 -4.90 27.07
N MET D 154 11.19 -5.92 26.23
CA MET D 154 12.16 -6.98 26.39
C MET D 154 12.80 -7.32 25.04
N ILE D 155 14.11 -7.51 25.05
CA ILE D 155 14.80 -7.87 23.82
C ILE D 155 14.92 -9.38 23.87
N ALA D 156 14.40 -10.03 22.83
CA ALA D 156 14.41 -11.48 22.78
C ALA D 156 15.02 -12.06 21.51
N GLU D 157 15.56 -13.26 21.65
CA GLU D 157 16.17 -13.98 20.54
C GLU D 157 15.12 -14.30 19.49
N ARG D 158 15.38 -13.95 18.24
CA ARG D 158 14.42 -14.25 17.17
C ARG D 158 14.09 -15.74 17.22
N GLU D 159 14.97 -16.52 17.84
CA GLU D 159 14.75 -17.96 17.97
C GLU D 159 14.65 -18.63 16.60
N GLN E 9 3.72 -32.17 12.18
CA GLN E 9 3.47 -32.95 10.93
C GLN E 9 1.99 -32.92 10.53
N SER E 10 1.13 -32.38 11.38
CA SER E 10 -0.29 -32.32 11.06
C SER E 10 -0.90 -30.92 11.23
N GLN E 11 -0.20 -30.08 11.99
CA GLN E 11 -0.64 -28.71 12.23
C GLN E 11 0.56 -27.79 12.00
N PHE E 12 0.36 -26.73 11.22
CA PHE E 12 1.45 -25.80 10.94
C PHE E 12 0.97 -24.38 11.07
N PHE E 13 1.85 -23.50 11.53
CA PHE E 13 1.51 -22.10 11.69
C PHE E 13 2.07 -21.25 10.57
N ILE E 14 1.78 -19.95 10.60
CA ILE E 14 2.23 -19.04 9.56
C ILE E 14 3.74 -19.10 9.30
N GLU E 15 4.54 -19.36 10.35
CA GLU E 15 6.00 -19.47 10.18
C GLU E 15 6.32 -20.63 9.25
N HIS E 16 5.66 -21.75 9.48
CA HIS E 16 5.87 -22.95 8.67
C HIS E 16 5.37 -22.73 7.26
N ILE E 17 4.23 -22.04 7.13
CA ILE E 17 3.66 -21.78 5.83
C ILE E 17 4.61 -20.92 4.99
N LEU E 18 5.22 -19.90 5.60
CA LEU E 18 6.15 -19.01 4.92
C LEU E 18 7.39 -19.76 4.44
N GLN E 19 7.70 -20.87 5.09
CA GLN E 19 8.88 -21.66 4.72
C GLN E 19 8.62 -22.65 3.61
N ILE E 20 7.35 -22.87 3.29
CA ILE E 20 7.02 -23.82 2.24
C ILE E 20 6.46 -23.16 0.99
N LEU E 21 5.41 -22.37 1.14
CA LEU E 21 4.80 -21.70 0.00
C LEU E 21 5.64 -20.52 -0.45
N PRO E 22 5.71 -20.28 -1.77
CA PRO E 22 6.51 -19.16 -2.27
C PRO E 22 5.73 -17.83 -2.26
N HIS E 23 4.42 -17.91 -2.10
CA HIS E 23 3.57 -16.71 -2.09
C HIS E 23 3.90 -15.77 -0.94
N ARG E 24 3.76 -14.47 -1.21
CA ARG E 24 4.02 -13.46 -0.20
C ARG E 24 2.95 -12.37 -0.26
N TYR E 25 3.03 -11.39 0.64
CA TYR E 25 2.05 -10.31 0.65
C TYR E 25 2.09 -9.59 -0.69
N PRO E 26 0.92 -9.25 -1.26
CA PRO E 26 -0.42 -9.51 -0.72
C PRO E 26 -1.10 -10.74 -1.35
N MET E 27 -0.35 -11.82 -1.58
CA MET E 27 -0.92 -13.02 -2.19
C MET E 27 -0.72 -14.35 -1.45
N LEU E 28 -0.41 -14.28 -0.16
CA LEU E 28 -0.26 -15.48 0.66
C LEU E 28 -1.59 -15.50 1.39
N LEU E 29 -2.50 -16.36 0.95
CA LEU E 29 -3.84 -16.41 1.52
C LEU E 29 -4.19 -17.60 2.42
N VAL E 30 -3.20 -18.08 3.17
CA VAL E 30 -3.42 -19.18 4.10
C VAL E 30 -2.71 -18.78 5.39
N ASP E 31 -3.46 -18.73 6.48
CA ASP E 31 -2.87 -18.33 7.75
C ASP E 31 -2.45 -19.48 8.64
N ARG E 32 -3.21 -20.58 8.63
CA ARG E 32 -2.88 -21.72 9.48
C ARG E 32 -3.38 -23.05 8.89
N ILE E 33 -2.68 -24.13 9.21
CA ILE E 33 -3.07 -25.45 8.72
C ILE E 33 -3.51 -26.29 9.92
N THR E 34 -4.74 -26.81 9.88
CA THR E 34 -5.22 -27.57 11.04
C THR E 34 -5.06 -29.07 11.00
N GLU E 35 -5.06 -29.67 9.82
CA GLU E 35 -4.87 -31.11 9.73
C GLU E 35 -4.37 -31.46 8.34
N LEU E 36 -3.39 -32.35 8.27
CA LEU E 36 -2.81 -32.74 6.99
C LEU E 36 -2.46 -34.22 6.89
N GLN E 37 -3.01 -34.88 5.88
CA GLN E 37 -2.74 -36.29 5.60
C GLN E 37 -1.99 -36.32 4.26
N ALA E 38 -0.75 -36.80 4.29
CA ALA E 38 0.06 -36.86 3.07
C ALA E 38 -0.62 -37.58 1.90
N ASN E 39 -0.53 -36.96 0.73
CA ASN E 39 -1.12 -37.54 -0.49
C ASN E 39 -2.61 -37.72 -0.41
N GLN E 40 -3.27 -37.13 0.58
CA GLN E 40 -4.70 -37.35 0.69
C GLN E 40 -5.55 -36.10 0.92
N LYS E 41 -5.36 -35.44 2.06
CA LYS E 41 -6.16 -34.26 2.34
C LYS E 41 -5.46 -33.24 3.23
N ILE E 42 -6.03 -32.04 3.23
CA ILE E 42 -5.52 -30.96 4.06
C ILE E 42 -6.69 -30.04 4.44
N VAL E 43 -6.65 -29.51 5.65
CA VAL E 43 -7.65 -28.59 6.13
C VAL E 43 -6.87 -27.40 6.66
N ALA E 44 -7.20 -26.22 6.18
CA ALA E 44 -6.51 -25.00 6.60
C ALA E 44 -7.50 -23.85 6.61
N TYR E 45 -7.04 -22.68 7.02
CA TYR E 45 -7.91 -21.53 7.03
C TYR E 45 -7.17 -20.20 6.94
N LYS E 46 -7.93 -19.18 6.58
CA LYS E 46 -7.43 -17.82 6.48
C LYS E 46 -8.45 -16.92 7.15
N ASN E 47 -8.00 -16.06 8.05
CA ASN E 47 -8.95 -15.14 8.67
C ASN E 47 -9.21 -14.01 7.68
N ILE E 48 -10.43 -13.50 7.70
CA ILE E 48 -10.84 -12.41 6.82
C ILE E 48 -11.10 -11.20 7.72
N THR E 49 -10.41 -10.10 7.46
CA THR E 49 -10.55 -8.88 8.26
C THR E 49 -10.78 -7.69 7.34
N PHE E 50 -11.41 -6.63 7.86
CA PHE E 50 -11.65 -5.46 7.03
C PHE E 50 -10.29 -4.82 6.72
N ASN E 51 -9.32 -5.03 7.60
CA ASN E 51 -7.98 -4.47 7.45
C ASN E 51 -7.12 -5.10 6.35
N GLU E 52 -7.74 -5.43 5.22
CA GLU E 52 -7.02 -6.00 4.08
C GLU E 52 -7.22 -5.04 2.92
N ASP E 53 -6.15 -4.81 2.14
CA ASP E 53 -6.20 -3.86 1.04
C ASP E 53 -7.22 -4.15 -0.07
N VAL E 54 -7.49 -5.43 -0.35
CA VAL E 54 -8.46 -5.76 -1.39
C VAL E 54 -9.82 -5.14 -1.12
N PHE E 55 -10.14 -4.94 0.15
CA PHE E 55 -11.43 -4.36 0.50
C PHE E 55 -11.63 -2.90 0.08
N ASN E 56 -10.54 -2.19 -0.20
CA ASN E 56 -10.66 -0.82 -0.65
C ASN E 56 -11.41 -0.78 -1.99
N GLY E 57 -11.31 -1.85 -2.77
CA GLY E 57 -11.97 -1.87 -4.06
C GLY E 57 -12.98 -2.97 -4.31
N HIS E 58 -13.33 -3.76 -3.29
CA HIS E 58 -14.26 -4.86 -3.52
C HIS E 58 -15.19 -5.13 -2.32
N PHE E 59 -16.23 -4.33 -2.12
CA PHE E 59 -16.47 -3.10 -2.86
C PHE E 59 -16.53 -1.94 -1.87
N PRO E 60 -16.68 -0.75 -2.36
CA PRO E 60 -16.72 0.47 -1.54
C PRO E 60 -18.00 0.47 -0.69
N ASN E 61 -17.82 0.55 0.62
CA ASN E 61 -18.96 0.46 1.52
C ASN E 61 -19.76 -0.86 1.49
N LYS E 62 -19.11 -1.89 0.83
CA LYS E 62 -19.60 -3.26 0.90
C LYS E 62 -18.46 -4.28 0.73
N PRO E 63 -17.70 -4.49 1.80
CA PRO E 63 -16.60 -5.46 1.79
C PRO E 63 -17.02 -6.91 1.59
N ILE E 64 -16.60 -7.47 0.47
CA ILE E 64 -16.88 -8.85 0.11
C ILE E 64 -15.56 -9.47 -0.37
N PHE E 65 -15.13 -10.54 0.27
CA PHE E 65 -13.89 -11.20 -0.13
C PHE E 65 -14.09 -11.78 -1.52
N PRO E 66 -13.22 -11.42 -2.48
CA PRO E 66 -13.32 -11.92 -3.86
C PRO E 66 -13.36 -13.44 -4.00
N GLY E 67 -14.35 -13.93 -4.75
CA GLY E 67 -14.48 -15.35 -4.97
C GLY E 67 -13.23 -15.95 -5.55
N VAL E 68 -12.59 -15.25 -6.49
CA VAL E 68 -11.36 -15.74 -7.10
C VAL E 68 -10.22 -15.91 -6.09
N LEU E 69 -10.23 -15.11 -5.04
CA LEU E 69 -9.16 -15.22 -4.04
C LEU E 69 -9.44 -16.40 -3.11
N ILE E 70 -10.70 -16.80 -3.00
CA ILE E 70 -11.08 -17.96 -2.18
C ILE E 70 -10.48 -19.18 -2.87
N VAL E 71 -10.59 -19.21 -4.20
CA VAL E 71 -10.05 -20.28 -5.01
C VAL E 71 -8.54 -20.31 -4.87
N GLU E 72 -7.94 -19.12 -4.92
CA GLU E 72 -6.50 -18.98 -4.78
C GLU E 72 -6.07 -19.56 -3.43
N GLY E 73 -6.88 -19.31 -2.40
CA GLY E 73 -6.57 -19.83 -1.08
C GLY E 73 -6.63 -21.34 -1.03
N MET E 74 -7.58 -21.91 -1.77
CA MET E 74 -7.73 -23.36 -1.82
C MET E 74 -6.56 -23.97 -2.57
N ALA E 75 -6.12 -23.30 -3.63
CA ALA E 75 -5.00 -23.78 -4.44
C ALA E 75 -3.74 -23.77 -3.60
N GLN E 76 -3.55 -22.69 -2.84
CA GLN E 76 -2.38 -22.58 -1.98
C GLN E 76 -2.39 -23.67 -0.91
N SER E 77 -3.59 -24.02 -0.44
CA SER E 77 -3.71 -25.07 0.57
C SER E 77 -3.29 -26.39 -0.08
N GLY E 78 -3.71 -26.59 -1.32
CA GLY E 78 -3.36 -27.79 -2.03
C GLY E 78 -1.86 -27.81 -2.28
N GLY E 79 -1.31 -26.64 -2.60
CA GLY E 79 0.12 -26.53 -2.86
C GLY E 79 0.94 -26.95 -1.66
N PHE E 80 0.49 -26.58 -0.47
CA PHE E 80 1.21 -26.93 0.74
C PHE E 80 1.16 -28.45 0.87
N LEU E 81 -0.02 -29.01 0.64
CA LEU E 81 -0.23 -30.45 0.73
C LEU E 81 0.67 -31.13 -0.30
N ALA E 82 0.65 -30.63 -1.53
CA ALA E 82 1.45 -31.22 -2.59
C ALA E 82 2.94 -31.21 -2.28
N PHE E 83 3.45 -30.08 -1.80
CA PHE E 83 4.87 -29.99 -1.52
C PHE E 83 5.35 -30.91 -0.41
N THR E 84 4.68 -30.87 0.73
CA THR E 84 5.09 -31.69 1.86
C THR E 84 4.91 -33.18 1.61
N SER E 85 3.97 -33.54 0.75
CA SER E 85 3.75 -34.95 0.44
C SER E 85 4.93 -35.42 -0.40
N LEU E 86 5.48 -34.48 -1.17
CA LEU E 86 6.59 -34.74 -2.06
C LEU E 86 7.95 -34.80 -1.37
N TRP E 87 8.33 -33.71 -0.69
CA TRP E 87 9.63 -33.62 -0.03
C TRP E 87 9.58 -33.51 1.48
N GLY E 88 8.40 -33.65 2.06
CA GLY E 88 8.30 -33.50 3.50
C GLY E 88 8.46 -32.03 3.82
N PHE E 89 8.72 -31.71 5.08
CA PHE E 89 8.89 -30.31 5.46
C PHE E 89 10.34 -29.88 5.21
N ASP E 90 10.64 -29.47 3.98
CA ASP E 90 11.99 -29.05 3.66
C ASP E 90 12.06 -27.65 3.06
N PRO E 91 12.24 -26.63 3.91
CA PRO E 91 12.32 -25.22 3.49
C PRO E 91 13.42 -24.93 2.48
N GLU E 92 14.55 -25.63 2.60
CA GLU E 92 15.66 -25.40 1.68
C GLU E 92 15.29 -25.83 0.27
N ILE E 93 14.48 -26.86 0.14
CA ILE E 93 14.05 -27.32 -1.16
C ILE E 93 12.93 -26.41 -1.68
N ALA E 94 12.03 -26.01 -0.79
CA ALA E 94 10.89 -25.16 -1.15
C ALA E 94 11.31 -23.76 -1.63
N LYS E 95 12.41 -23.25 -1.10
CA LYS E 95 12.92 -21.93 -1.46
C LYS E 95 12.90 -21.58 -2.94
N THR E 96 13.28 -22.53 -3.79
CA THR E 96 13.34 -22.27 -5.22
C THR E 96 12.20 -22.84 -6.06
N LYS E 97 11.06 -23.14 -5.43
CA LYS E 97 9.92 -23.67 -6.16
C LYS E 97 8.84 -22.61 -6.39
N ILE E 98 8.05 -22.81 -7.43
CA ILE E 98 6.97 -21.91 -7.81
C ILE E 98 5.77 -22.82 -8.00
N VAL E 99 4.57 -22.24 -8.08
CA VAL E 99 3.35 -23.02 -8.30
C VAL E 99 2.50 -22.33 -9.35
N TYR E 100 2.24 -23.03 -10.45
CA TYR E 100 1.43 -22.47 -11.52
C TYR E 100 0.08 -23.16 -11.55
N PHE E 101 -0.96 -22.36 -11.74
CA PHE E 101 -2.31 -22.86 -11.86
C PHE E 101 -2.39 -23.47 -13.25
N MET E 102 -3.02 -24.63 -13.39
CA MET E 102 -3.15 -25.25 -14.70
C MET E 102 -4.60 -25.20 -15.18
N THR E 103 -5.52 -25.59 -14.30
CA THR E 103 -6.94 -25.57 -14.63
C THR E 103 -7.81 -25.34 -13.40
N ILE E 104 -9.03 -24.89 -13.65
CA ILE E 104 -10.00 -24.62 -12.59
C ILE E 104 -11.32 -25.13 -13.14
N ASP E 105 -12.06 -25.89 -12.34
CA ASP E 105 -13.35 -26.40 -12.78
C ASP E 105 -14.39 -26.53 -11.70
N LYS E 106 -15.64 -26.63 -12.15
CA LYS E 106 -16.77 -26.83 -11.28
C LYS E 106 -16.73 -26.01 -10.00
N VAL E 107 -16.39 -24.73 -10.08
CA VAL E 107 -16.40 -23.94 -8.85
C VAL E 107 -17.78 -23.29 -8.77
N LYS E 108 -18.32 -23.23 -7.56
CA LYS E 108 -19.63 -22.65 -7.32
C LYS E 108 -19.56 -21.86 -6.02
N PHE E 109 -20.00 -20.61 -6.05
CA PHE E 109 -19.99 -19.78 -4.84
C PHE E 109 -21.42 -19.76 -4.30
N ARG E 110 -21.60 -20.10 -3.03
CA ARG E 110 -22.94 -20.15 -2.46
C ARG E 110 -23.25 -19.04 -1.46
N ILE E 111 -22.23 -18.65 -0.69
CA ILE E 111 -22.39 -17.64 0.33
C ILE E 111 -21.22 -16.66 0.32
N PRO E 112 -21.51 -15.35 0.28
CA PRO E 112 -20.45 -14.34 0.27
C PRO E 112 -19.63 -14.39 1.54
N VAL E 113 -18.32 -14.19 1.41
CA VAL E 113 -17.43 -14.18 2.56
C VAL E 113 -17.15 -12.72 2.92
N THR E 114 -17.24 -12.40 4.21
CA THR E 114 -17.03 -11.02 4.65
C THR E 114 -16.07 -10.89 5.82
N PRO E 115 -15.68 -9.65 6.15
CA PRO E 115 -14.78 -9.38 7.27
C PRO E 115 -15.34 -10.00 8.56
N GLY E 116 -14.48 -10.71 9.29
CA GLY E 116 -14.92 -11.36 10.51
C GLY E 116 -15.10 -12.85 10.33
N ASP E 117 -15.11 -13.33 9.09
CA ASP E 117 -15.27 -14.75 8.81
C ASP E 117 -13.93 -15.49 8.88
N ARG E 118 -14.01 -16.77 9.24
CA ARG E 118 -12.85 -17.65 9.30
C ARG E 118 -13.04 -18.55 8.08
N LEU E 119 -12.31 -18.29 7.00
CA LEU E 119 -12.45 -19.07 5.77
C LEU E 119 -11.64 -20.37 5.86
N GLU E 120 -12.35 -21.47 6.01
CA GLU E 120 -11.71 -22.77 6.15
C GLU E 120 -11.68 -23.57 4.85
N TYR E 121 -10.47 -23.92 4.42
CA TYR E 121 -10.28 -24.67 3.19
C TYR E 121 -10.20 -26.17 3.49
N HIS E 122 -10.92 -26.96 2.69
CA HIS E 122 -10.90 -28.42 2.83
C HIS E 122 -10.57 -28.95 1.44
N LEU E 123 -9.35 -29.44 1.27
CA LEU E 123 -8.93 -29.99 -0.01
C LEU E 123 -8.59 -31.46 0.08
N GLU E 124 -8.98 -32.20 -0.96
CA GLU E 124 -8.71 -33.63 -1.07
C GLU E 124 -8.04 -33.87 -2.40
N VAL E 125 -7.03 -34.74 -2.41
CA VAL E 125 -6.31 -35.06 -3.63
C VAL E 125 -7.16 -35.99 -4.47
N LEU E 126 -7.46 -35.57 -5.70
CA LEU E 126 -8.28 -36.38 -6.60
C LEU E 126 -7.39 -37.19 -7.52
N LYS E 127 -6.20 -36.66 -7.80
CA LYS E 127 -5.26 -37.31 -8.68
C LYS E 127 -3.95 -36.53 -8.68
N HIS E 128 -2.83 -37.25 -8.68
CA HIS E 128 -1.54 -36.59 -8.68
C HIS E 128 -0.50 -37.51 -9.29
N LYS E 129 0.42 -36.91 -10.04
CA LYS E 129 1.51 -37.63 -10.68
C LYS E 129 2.67 -36.65 -10.80
N GLY E 130 3.74 -36.92 -10.06
CA GLY E 130 4.89 -36.04 -10.09
C GLY E 130 4.52 -34.69 -9.53
N MET E 131 4.85 -33.65 -10.28
CA MET E 131 4.59 -32.26 -9.90
C MET E 131 3.15 -31.78 -10.14
N ILE E 132 2.35 -32.58 -10.85
CA ILE E 132 0.99 -32.17 -11.13
C ILE E 132 -0.06 -32.71 -10.17
N TRP E 133 -0.59 -31.82 -9.33
CA TRP E 133 -1.60 -32.21 -8.37
C TRP E 133 -2.97 -31.67 -8.70
N GLN E 134 -3.95 -32.58 -8.68
CA GLN E 134 -5.33 -32.24 -8.97
C GLN E 134 -6.12 -32.41 -7.68
N VAL E 135 -6.50 -31.29 -7.07
CA VAL E 135 -7.25 -31.31 -5.84
C VAL E 135 -8.65 -30.77 -6.02
N GLY E 136 -9.49 -31.03 -5.05
CA GLY E 136 -10.87 -30.58 -5.11
C GLY E 136 -11.46 -30.55 -3.72
N GLY E 137 -12.38 -29.63 -3.49
CA GLY E 137 -12.98 -29.55 -2.17
C GLY E 137 -13.88 -28.34 -2.00
N THR E 138 -13.91 -27.84 -0.77
CA THR E 138 -14.76 -26.70 -0.42
C THR E 138 -14.09 -25.69 0.49
N ALA E 139 -14.72 -24.53 0.58
CA ALA E 139 -14.27 -23.47 1.46
C ALA E 139 -15.48 -23.36 2.40
N GLN E 140 -15.23 -23.25 3.70
CA GLN E 140 -16.33 -23.19 4.65
C GLN E 140 -16.23 -22.08 5.69
N VAL E 141 -17.38 -21.62 6.18
CA VAL E 141 -17.43 -20.61 7.21
C VAL E 141 -18.47 -21.08 8.22
N ASP E 142 -18.03 -21.29 9.46
CA ASP E 142 -18.93 -21.75 10.52
C ASP E 142 -19.60 -23.06 10.13
N GLY E 143 -18.80 -24.00 9.62
CA GLY E 143 -19.33 -25.30 9.23
C GLY E 143 -20.18 -25.35 7.97
N LYS E 144 -20.55 -24.19 7.41
CA LYS E 144 -21.35 -24.18 6.19
C LYS E 144 -20.49 -23.96 4.95
N VAL E 145 -20.82 -24.65 3.86
CA VAL E 145 -20.08 -24.55 2.62
C VAL E 145 -20.39 -23.25 1.88
N VAL E 146 -19.38 -22.41 1.73
CA VAL E 146 -19.55 -21.16 1.02
C VAL E 146 -19.02 -21.24 -0.40
N ALA E 147 -18.23 -22.27 -0.68
CA ALA E 147 -17.66 -22.45 -2.01
C ALA E 147 -17.18 -23.88 -2.29
N GLU E 148 -17.30 -24.26 -3.56
CA GLU E 148 -16.88 -25.57 -4.04
C GLU E 148 -15.90 -25.33 -5.16
N ALA E 149 -14.89 -26.18 -5.29
CA ALA E 149 -13.92 -25.99 -6.35
C ALA E 149 -13.01 -27.18 -6.64
N GLU E 150 -12.63 -27.29 -7.90
CA GLU E 150 -11.74 -28.33 -8.38
C GLU E 150 -10.63 -27.61 -9.14
N LEU E 151 -9.39 -27.97 -8.89
CA LEU E 151 -8.27 -27.31 -9.57
C LEU E 151 -7.05 -28.20 -9.70
N LYS E 152 -6.24 -27.91 -10.70
CA LYS E 152 -5.02 -28.65 -10.97
C LYS E 152 -3.89 -27.63 -11.05
N ALA E 153 -2.86 -27.84 -10.24
CA ALA E 153 -1.72 -26.93 -10.20
C ALA E 153 -0.42 -27.71 -10.35
N MET E 154 0.60 -27.04 -10.83
CA MET E 154 1.90 -27.66 -11.04
C MET E 154 2.97 -26.97 -10.22
N ILE E 155 3.78 -27.77 -9.52
CA ILE E 155 4.88 -27.24 -8.72
C ILE E 155 6.08 -27.23 -9.66
N ALA E 156 6.79 -26.11 -9.73
CA ALA E 156 7.93 -26.00 -10.62
C ALA E 156 9.15 -25.28 -10.05
N GLU E 157 10.33 -25.78 -10.38
CA GLU E 157 11.59 -25.19 -9.93
C GLU E 157 11.77 -23.83 -10.63
N ARG E 158 12.14 -22.81 -9.89
CA ARG E 158 12.37 -21.49 -10.48
C ARG E 158 13.55 -21.61 -11.45
N GLU E 159 13.32 -21.33 -12.74
CA GLU E 159 14.45 -21.41 -13.65
C GLU E 159 14.60 -20.12 -14.45
N GLN F 11 -15.00 3.49 -28.47
CA GLN F 11 -14.33 2.84 -27.31
C GLN F 11 -14.79 3.45 -25.97
N PHE F 12 -14.57 2.71 -24.89
CA PHE F 12 -14.92 3.18 -23.55
C PHE F 12 -13.60 3.20 -22.79
N PHE F 13 -13.26 4.33 -22.20
CA PHE F 13 -12.02 4.43 -21.46
C PHE F 13 -12.24 4.25 -19.98
N ILE F 14 -11.15 4.25 -19.22
CA ILE F 14 -11.22 4.05 -17.78
C ILE F 14 -12.31 4.89 -17.10
N GLU F 15 -12.43 6.15 -17.53
CA GLU F 15 -13.44 7.05 -16.98
C GLU F 15 -14.86 6.47 -17.14
N HIS F 16 -15.12 5.84 -18.28
CA HIS F 16 -16.41 5.24 -18.55
C HIS F 16 -16.58 3.95 -17.76
N ILE F 17 -15.53 3.13 -17.78
CA ILE F 17 -15.55 1.88 -17.05
C ILE F 17 -15.88 2.15 -15.59
N LEU F 18 -15.28 3.21 -15.04
CA LEU F 18 -15.51 3.58 -13.65
C LEU F 18 -16.97 3.96 -13.39
N GLN F 19 -17.65 4.46 -14.40
CA GLN F 19 -19.05 4.85 -14.24
C GLN F 19 -20.01 3.67 -14.25
N ILE F 20 -19.56 2.52 -14.73
CA ILE F 20 -20.41 1.34 -14.79
C ILE F 20 -20.04 0.24 -13.79
N LEU F 21 -18.77 -0.14 -13.74
CA LEU F 21 -18.35 -1.20 -12.81
C LEU F 21 -18.15 -0.64 -11.41
N PRO F 22 -18.59 -1.38 -10.38
CA PRO F 22 -18.45 -0.92 -9.00
C PRO F 22 -17.05 -1.20 -8.45
N HIS F 23 -16.29 -2.03 -9.16
CA HIS F 23 -14.94 -2.38 -8.71
C HIS F 23 -14.01 -1.17 -8.68
N ARG F 24 -13.16 -1.12 -7.67
CA ARG F 24 -12.18 -0.05 -7.52
C ARG F 24 -10.82 -0.66 -7.16
N TYR F 25 -9.82 0.21 -7.01
CA TYR F 25 -8.47 -0.22 -6.67
C TYR F 25 -8.46 -0.94 -5.33
N PRO F 26 -7.72 -2.07 -5.22
CA PRO F 26 -6.92 -2.70 -6.26
C PRO F 26 -7.58 -3.90 -6.93
N MET F 27 -8.88 -3.80 -7.19
CA MET F 27 -9.61 -4.90 -7.83
C MET F 27 -10.34 -4.52 -9.11
N LEU F 28 -9.97 -3.40 -9.71
CA LEU F 28 -10.56 -2.99 -10.98
C LEU F 28 -9.50 -3.41 -11.98
N LEU F 29 -9.76 -4.51 -12.68
CA LEU F 29 -8.77 -5.05 -13.60
C LEU F 29 -9.07 -4.97 -15.09
N VAL F 30 -9.72 -3.88 -15.51
CA VAL F 30 -10.02 -3.64 -16.92
C VAL F 30 -9.71 -2.18 -17.16
N ASP F 31 -8.78 -1.89 -18.07
CA ASP F 31 -8.39 -0.52 -18.36
C ASP F 31 -9.14 0.15 -19.51
N ARG F 32 -9.55 -0.62 -20.51
CA ARG F 32 -10.22 -0.06 -21.67
C ARG F 32 -11.10 -1.08 -22.41
N ILE F 33 -12.20 -0.62 -23.00
CA ILE F 33 -13.11 -1.47 -23.77
C ILE F 33 -12.93 -1.11 -25.24
N THR F 34 -12.49 -2.07 -26.06
CA THR F 34 -12.27 -1.81 -27.48
C THR F 34 -13.46 -2.16 -28.40
N GLU F 35 -14.20 -3.23 -28.08
CA GLU F 35 -15.37 -3.66 -28.87
C GLU F 35 -16.58 -4.02 -27.98
N LEU F 36 -17.77 -3.61 -28.37
CA LEU F 36 -18.98 -3.94 -27.61
C LEU F 36 -20.20 -4.22 -28.49
N GLN F 37 -20.79 -5.41 -28.32
CA GLN F 37 -21.98 -5.80 -29.06
C GLN F 37 -23.00 -6.38 -28.09
N ALA F 38 -23.99 -5.57 -27.73
CA ALA F 38 -25.04 -5.97 -26.79
C ALA F 38 -25.57 -7.39 -27.00
N ASN F 39 -25.63 -8.15 -25.91
CA ASN F 39 -26.12 -9.54 -25.93
C ASN F 39 -25.31 -10.45 -26.84
N GLN F 40 -24.15 -9.99 -27.26
CA GLN F 40 -23.31 -10.80 -28.13
C GLN F 40 -21.91 -11.04 -27.59
N LYS F 41 -21.07 -10.02 -27.60
CA LYS F 41 -19.70 -10.16 -27.14
C LYS F 41 -19.04 -8.86 -26.71
N ILE F 42 -17.83 -8.99 -26.18
CA ILE F 42 -17.07 -7.83 -25.74
C ILE F 42 -15.58 -8.12 -25.79
N VAL F 43 -14.82 -7.14 -26.28
CA VAL F 43 -13.37 -7.28 -26.34
C VAL F 43 -12.81 -6.11 -25.53
N ALA F 44 -11.97 -6.41 -24.55
CA ALA F 44 -11.39 -5.39 -23.70
C ALA F 44 -9.99 -5.83 -23.26
N TYR F 45 -9.29 -4.97 -22.52
CA TYR F 45 -7.97 -5.33 -22.07
C TYR F 45 -7.50 -4.59 -20.84
N LYS F 46 -6.42 -5.10 -20.26
CA LYS F 46 -5.79 -4.53 -19.09
C LYS F 46 -4.29 -4.58 -19.32
N ASN F 47 -3.62 -3.46 -19.05
CA ASN F 47 -2.17 -3.45 -19.18
C ASN F 47 -1.59 -4.10 -17.94
N ILE F 48 -0.47 -4.79 -18.11
CA ILE F 48 0.20 -5.44 -16.99
C ILE F 48 1.56 -4.77 -16.87
N THR F 49 1.82 -4.19 -15.72
CA THR F 49 3.07 -3.50 -15.47
C THR F 49 3.66 -4.00 -14.16
N PHE F 50 4.97 -3.86 -14.01
CA PHE F 50 5.62 -4.29 -12.78
C PHE F 50 5.13 -3.43 -11.60
N ASN F 51 4.72 -2.19 -11.89
CA ASN F 51 4.27 -1.24 -10.87
C ASN F 51 2.90 -1.58 -10.25
N GLU F 52 2.65 -2.85 -10.00
CA GLU F 52 1.39 -3.28 -9.40
C GLU F 52 1.74 -4.04 -8.11
N ASP F 53 1.07 -3.69 -7.02
CA ASP F 53 1.31 -4.28 -5.71
C ASP F 53 1.29 -5.82 -5.68
N VAL F 54 0.38 -6.40 -6.46
CA VAL F 54 0.25 -7.87 -6.52
C VAL F 54 1.59 -8.57 -6.75
N PHE F 55 2.45 -7.98 -7.58
CA PHE F 55 3.73 -8.60 -7.88
C PHE F 55 4.72 -8.70 -6.73
N ASN F 56 4.46 -7.99 -5.64
CA ASN F 56 5.33 -8.08 -4.48
C ASN F 56 5.24 -9.49 -3.91
N GLY F 57 4.07 -10.13 -4.09
CA GLY F 57 3.91 -11.47 -3.56
C GLY F 57 3.67 -12.59 -4.56
N HIS F 58 3.65 -12.29 -5.86
CA HIS F 58 3.37 -13.34 -6.83
C HIS F 58 4.20 -13.28 -8.12
N PHE F 59 5.49 -13.63 -8.06
CA PHE F 59 6.18 -14.06 -6.85
C PHE F 59 7.44 -13.22 -6.71
N PRO F 60 8.04 -13.19 -5.52
CA PRO F 60 9.25 -12.40 -5.36
C PRO F 60 10.30 -12.81 -6.41
N ASN F 61 10.94 -11.83 -7.05
CA ASN F 61 11.97 -12.13 -8.05
C ASN F 61 11.45 -12.89 -9.27
N LYS F 62 10.13 -13.00 -9.40
CA LYS F 62 9.52 -13.72 -10.51
C LYS F 62 8.07 -13.24 -10.65
N PRO F 63 7.87 -12.10 -11.33
CA PRO F 63 6.54 -11.51 -11.53
C PRO F 63 5.66 -12.26 -12.53
N ILE F 64 4.56 -12.79 -12.01
CA ILE F 64 3.59 -13.54 -12.81
C ILE F 64 2.18 -13.09 -12.39
N PHE F 65 1.43 -12.50 -13.32
CA PHE F 65 0.08 -12.04 -13.02
C PHE F 65 -0.72 -13.27 -12.63
N PRO F 66 -1.39 -13.25 -11.47
CA PRO F 66 -2.18 -14.38 -11.01
C PRO F 66 -3.29 -14.88 -11.94
N GLY F 67 -3.28 -16.19 -12.19
CA GLY F 67 -4.28 -16.77 -13.06
C GLY F 67 -5.69 -16.43 -12.61
N VAL F 68 -5.93 -16.43 -11.29
CA VAL F 68 -7.25 -16.12 -10.79
C VAL F 68 -7.64 -14.67 -11.09
N LEU F 69 -6.65 -13.80 -11.23
CA LEU F 69 -6.93 -12.40 -11.51
C LEU F 69 -7.21 -12.22 -12.99
N ILE F 70 -6.71 -13.15 -13.80
CA ILE F 70 -6.98 -13.12 -15.23
C ILE F 70 -8.46 -13.43 -15.36
N VAL F 71 -8.90 -14.45 -14.64
CA VAL F 71 -10.31 -14.84 -14.66
C VAL F 71 -11.18 -13.69 -14.15
N GLU F 72 -10.73 -13.02 -13.09
CA GLU F 72 -11.45 -11.88 -12.51
C GLU F 72 -11.64 -10.80 -13.58
N GLY F 73 -10.58 -10.54 -14.32
CA GLY F 73 -10.64 -9.55 -15.38
C GLY F 73 -11.63 -9.95 -16.46
N MET F 74 -11.72 -11.24 -16.74
CA MET F 74 -12.65 -11.71 -17.75
C MET F 74 -14.09 -11.55 -17.24
N ALA F 75 -14.27 -11.75 -15.94
CA ALA F 75 -15.57 -11.63 -15.30
C ALA F 75 -16.03 -10.17 -15.34
N GLN F 76 -15.11 -9.26 -15.04
CA GLN F 76 -15.42 -7.83 -15.06
C GLN F 76 -15.80 -7.43 -16.49
N SER F 77 -15.06 -7.92 -17.47
CA SER F 77 -15.35 -7.59 -18.86
C SER F 77 -16.76 -8.10 -19.17
N GLY F 78 -17.08 -9.28 -18.68
CA GLY F 78 -18.40 -9.83 -18.90
C GLY F 78 -19.44 -9.01 -18.17
N GLY F 79 -19.08 -8.49 -17.01
CA GLY F 79 -20.01 -7.68 -16.25
C GLY F 79 -20.38 -6.40 -16.97
N PHE F 80 -19.40 -5.75 -17.59
CA PHE F 80 -19.65 -4.50 -18.31
C PHE F 80 -20.63 -4.79 -19.45
N LEU F 81 -20.44 -5.93 -20.10
CA LEU F 81 -21.30 -6.34 -21.20
C LEU F 81 -22.72 -6.56 -20.67
N ALA F 82 -22.82 -7.15 -19.48
CA ALA F 82 -24.10 -7.40 -18.85
C ALA F 82 -24.79 -6.08 -18.46
N PHE F 83 -24.08 -5.21 -17.75
CA PHE F 83 -24.63 -3.92 -17.34
C PHE F 83 -25.20 -3.16 -18.52
N THR F 84 -24.41 -3.03 -19.57
CA THR F 84 -24.84 -2.28 -20.73
C THR F 84 -25.89 -2.96 -21.59
N SER F 85 -25.87 -4.28 -21.65
CA SER F 85 -26.88 -4.99 -22.43
C SER F 85 -28.24 -4.80 -21.75
N LEU F 86 -28.23 -4.79 -20.42
CA LEU F 86 -29.45 -4.64 -19.62
C LEU F 86 -30.02 -3.23 -19.61
N TRP F 87 -29.19 -2.25 -19.26
CA TRP F 87 -29.68 -0.87 -19.17
C TRP F 87 -28.95 0.17 -20.02
N GLY F 88 -28.10 -0.26 -20.94
CA GLY F 88 -27.35 0.70 -21.74
C GLY F 88 -26.34 1.41 -20.85
N PHE F 89 -25.68 2.45 -21.35
CA PHE F 89 -24.70 3.17 -20.55
C PHE F 89 -25.44 4.10 -19.60
N ASP F 90 -25.72 3.62 -18.39
CA ASP F 90 -26.46 4.40 -17.41
C ASP F 90 -25.74 4.45 -16.06
N PRO F 91 -24.90 5.48 -15.85
CA PRO F 91 -24.17 5.60 -14.59
C PRO F 91 -25.09 5.66 -13.36
N GLU F 92 -26.29 6.20 -13.53
CA GLU F 92 -27.21 6.32 -12.41
C GLU F 92 -27.69 4.97 -11.88
N ILE F 93 -28.06 4.06 -12.77
CA ILE F 93 -28.49 2.73 -12.36
C ILE F 93 -27.29 1.94 -11.82
N ALA F 94 -26.18 1.98 -12.55
CA ALA F 94 -24.98 1.27 -12.15
C ALA F 94 -24.53 1.49 -10.69
N LYS F 95 -24.53 2.74 -10.23
CA LYS F 95 -24.09 3.05 -8.88
C LYS F 95 -24.83 2.36 -7.73
N THR F 96 -25.95 1.69 -8.04
CA THR F 96 -26.71 1.02 -7.00
C THR F 96 -26.38 -0.48 -6.93
N LYS F 97 -25.80 -1.00 -8.01
CA LYS F 97 -25.48 -2.41 -8.11
C LYS F 97 -24.05 -2.81 -7.81
N ILE F 98 -23.86 -4.11 -7.61
CA ILE F 98 -22.55 -4.74 -7.40
C ILE F 98 -22.65 -6.06 -8.16
N VAL F 99 -21.57 -6.82 -8.18
CA VAL F 99 -21.58 -8.09 -8.92
C VAL F 99 -21.02 -9.24 -8.10
N TYR F 100 -21.68 -10.39 -8.17
CA TYR F 100 -21.24 -11.58 -7.44
C TYR F 100 -20.87 -12.68 -8.42
N PHE F 101 -19.78 -13.38 -8.12
CA PHE F 101 -19.36 -14.50 -8.94
C PHE F 101 -20.29 -15.63 -8.53
N MET F 102 -20.81 -16.38 -9.49
CA MET F 102 -21.70 -17.52 -9.18
C MET F 102 -21.00 -18.86 -9.45
N THR F 103 -20.48 -19.03 -10.65
CA THR F 103 -19.75 -20.25 -11.03
C THR F 103 -18.59 -19.95 -11.96
N ILE F 104 -17.62 -20.86 -11.95
CA ILE F 104 -16.44 -20.74 -12.80
C ILE F 104 -16.23 -22.16 -13.32
N ASP F 105 -15.93 -22.31 -14.61
CA ASP F 105 -15.71 -23.65 -15.13
C ASP F 105 -14.88 -23.69 -16.41
N LYS F 106 -14.30 -24.85 -16.65
CA LYS F 106 -13.49 -25.09 -17.83
C LYS F 106 -12.42 -24.02 -18.07
N VAL F 107 -11.68 -23.66 -17.03
CA VAL F 107 -10.63 -22.68 -17.22
C VAL F 107 -9.30 -23.42 -17.35
N LYS F 108 -8.48 -22.96 -18.28
CA LYS F 108 -7.18 -23.55 -18.53
C LYS F 108 -6.21 -22.43 -18.81
N PHE F 109 -5.04 -22.49 -18.17
CA PHE F 109 -4.01 -21.50 -18.37
C PHE F 109 -2.93 -22.15 -19.25
N ARG F 110 -2.52 -21.43 -20.29
CA ARG F 110 -1.53 -21.96 -21.22
C ARG F 110 -0.21 -21.20 -21.19
N ILE F 111 -0.28 -19.89 -21.07
CA ILE F 111 0.93 -19.09 -21.04
C ILE F 111 0.89 -18.08 -19.91
N PRO F 112 1.96 -17.99 -19.13
CA PRO F 112 2.00 -17.03 -18.01
C PRO F 112 1.99 -15.60 -18.54
N VAL F 113 1.26 -14.73 -17.85
CA VAL F 113 1.16 -13.31 -18.19
C VAL F 113 2.14 -12.61 -17.29
N THR F 114 2.86 -11.63 -17.82
CA THR F 114 3.88 -10.94 -17.05
C THR F 114 3.91 -9.44 -17.33
N PRO F 115 4.68 -8.67 -16.55
CA PRO F 115 4.79 -7.22 -16.74
C PRO F 115 5.20 -6.91 -18.18
N GLY F 116 4.49 -5.97 -18.80
CA GLY F 116 4.80 -5.60 -20.18
C GLY F 116 3.78 -6.18 -21.14
N ASP F 117 2.93 -7.08 -20.64
CA ASP F 117 1.91 -7.69 -21.49
C ASP F 117 0.62 -6.88 -21.52
N ARG F 118 -0.06 -6.95 -22.66
CA ARG F 118 -1.35 -6.30 -22.85
C ARG F 118 -2.31 -7.48 -22.78
N LEU F 119 -2.99 -7.61 -21.65
CA LEU F 119 -3.92 -8.72 -21.44
C LEU F 119 -5.29 -8.39 -22.02
N GLU F 120 -5.60 -9.03 -23.14
CA GLU F 120 -6.85 -8.81 -23.86
C GLU F 120 -7.94 -9.84 -23.57
N TYR F 121 -9.08 -9.36 -23.09
CA TYR F 121 -10.21 -10.22 -22.77
C TYR F 121 -11.17 -10.33 -23.96
N HIS F 122 -11.59 -11.56 -24.25
CA HIS F 122 -12.54 -11.84 -25.34
C HIS F 122 -13.66 -12.66 -24.73
N LEU F 123 -14.81 -12.04 -24.52
CA LEU F 123 -15.95 -12.75 -23.94
C LEU F 123 -17.21 -12.66 -24.79
N GLU F 124 -17.96 -13.75 -24.81
CA GLU F 124 -19.23 -13.78 -25.54
C GLU F 124 -20.27 -14.33 -24.56
N VAL F 125 -21.52 -13.94 -24.73
CA VAL F 125 -22.58 -14.41 -23.85
C VAL F 125 -23.04 -15.80 -24.28
N LEU F 126 -23.05 -16.73 -23.35
CA LEU F 126 -23.48 -18.10 -23.63
C LEU F 126 -24.97 -18.20 -23.32
N LYS F 127 -25.38 -17.52 -22.26
CA LYS F 127 -26.78 -17.52 -21.82
C LYS F 127 -26.99 -16.43 -20.77
N HIS F 128 -28.21 -15.94 -20.68
CA HIS F 128 -28.51 -14.92 -19.69
C HIS F 128 -30.02 -14.85 -19.42
N LYS F 129 -30.37 -14.42 -18.22
CA LYS F 129 -31.76 -14.30 -17.84
C LYS F 129 -31.83 -13.42 -16.61
N GLY F 130 -32.51 -12.29 -16.74
CA GLY F 130 -32.61 -11.38 -15.62
C GLY F 130 -31.23 -10.85 -15.29
N MET F 131 -30.85 -10.97 -14.02
CA MET F 131 -29.55 -10.49 -13.54
C MET F 131 -28.45 -11.54 -13.68
N ILE F 132 -28.83 -12.77 -14.04
CA ILE F 132 -27.87 -13.87 -14.17
C ILE F 132 -27.28 -14.03 -15.56
N TRP F 133 -25.98 -13.79 -15.67
CA TRP F 133 -25.29 -13.87 -16.97
C TRP F 133 -24.17 -14.90 -17.01
N GLN F 134 -24.18 -15.71 -18.08
CA GLN F 134 -23.15 -16.72 -18.26
C GLN F 134 -22.35 -16.43 -19.53
N VAL F 135 -21.06 -16.20 -19.36
CA VAL F 135 -20.18 -15.90 -20.49
C VAL F 135 -18.98 -16.82 -20.51
N GLY F 136 -18.32 -16.89 -21.67
CA GLY F 136 -17.15 -17.71 -21.81
C GLY F 136 -16.28 -17.09 -22.87
N GLY F 137 -15.01 -17.47 -22.90
CA GLY F 137 -14.11 -16.91 -23.89
C GLY F 137 -12.65 -17.15 -23.53
N THR F 138 -11.80 -16.22 -23.95
CA THR F 138 -10.38 -16.34 -23.71
C THR F 138 -9.73 -15.01 -23.33
N ALA F 139 -8.49 -15.11 -22.86
CA ALA F 139 -7.67 -13.96 -22.52
C ALA F 139 -6.51 -14.14 -23.50
N GLN F 140 -6.10 -13.06 -24.14
CA GLN F 140 -5.02 -13.16 -25.12
C GLN F 140 -3.92 -12.13 -24.95
N VAL F 141 -2.71 -12.52 -25.33
CA VAL F 141 -1.57 -11.63 -25.29
C VAL F 141 -0.95 -11.71 -26.68
N ASP F 142 -0.84 -10.58 -27.34
CA ASP F 142 -0.29 -10.50 -28.68
C ASP F 142 -0.83 -11.60 -29.59
N GLY F 143 -2.15 -11.71 -29.69
CA GLY F 143 -2.73 -12.71 -30.57
C GLY F 143 -2.83 -14.14 -30.09
N LYS F 144 -2.13 -14.49 -29.00
CA LYS F 144 -2.19 -15.86 -28.49
C LYS F 144 -3.09 -16.02 -27.28
N VAL F 145 -3.73 -17.19 -27.21
CA VAL F 145 -4.61 -17.50 -26.10
C VAL F 145 -3.76 -17.88 -24.90
N VAL F 146 -3.85 -17.10 -23.83
CA VAL F 146 -3.08 -17.44 -22.64
C VAL F 146 -3.97 -18.13 -21.63
N ALA F 147 -5.28 -18.05 -21.84
CA ALA F 147 -6.22 -18.68 -20.93
C ALA F 147 -7.63 -18.76 -21.51
N GLU F 148 -8.40 -19.73 -21.04
CA GLU F 148 -9.78 -19.92 -21.48
C GLU F 148 -10.60 -20.03 -20.22
N ALA F 149 -11.87 -19.65 -20.29
CA ALA F 149 -12.72 -19.75 -19.11
C ALA F 149 -14.19 -19.48 -19.40
N GLU F 150 -15.05 -20.09 -18.60
CA GLU F 150 -16.49 -19.88 -18.69
C GLU F 150 -16.87 -19.45 -17.28
N LEU F 151 -17.88 -18.61 -17.16
CA LEU F 151 -18.29 -18.16 -15.84
C LEU F 151 -19.68 -17.57 -15.84
N LYS F 152 -20.28 -17.53 -14.66
CA LYS F 152 -21.62 -17.00 -14.47
C LYS F 152 -21.59 -16.06 -13.26
N ALA F 153 -22.16 -14.87 -13.43
CA ALA F 153 -22.17 -13.91 -12.34
C ALA F 153 -23.54 -13.29 -12.20
N MET F 154 -23.82 -12.73 -11.03
CA MET F 154 -25.12 -12.12 -10.78
C MET F 154 -25.00 -10.64 -10.42
N ILE F 155 -25.81 -9.81 -11.05
CA ILE F 155 -25.82 -8.39 -10.74
C ILE F 155 -26.86 -8.21 -9.65
N ALA F 156 -26.54 -7.41 -8.63
CA ALA F 156 -27.47 -7.20 -7.52
C ALA F 156 -27.46 -5.79 -6.91
N GLU F 157 -28.53 -5.48 -6.18
CA GLU F 157 -28.70 -4.20 -5.53
C GLU F 157 -27.88 -4.11 -4.23
N ARG F 158 -26.98 -3.12 -4.17
CA ARG F 158 -26.15 -2.93 -2.98
C ARG F 158 -26.99 -3.04 -1.70
C1 BEN G . 10.50 37.51 -6.66
C2 BEN G . 11.82 37.11 -6.43
C3 BEN G . 12.61 36.69 -7.49
C4 BEN G . 12.09 36.66 -8.78
C5 BEN G . 10.77 37.06 -9.00
C6 BEN G . 9.98 37.47 -7.95
C BEN G . 9.71 37.93 -5.59
N1 BEN G . 9.89 37.42 -4.38
N2 BEN G . 8.79 38.87 -5.77
C1 BEN H . -4.74 28.59 -21.54
C2 BEN H . -5.39 28.83 -20.33
C3 BEN H . -6.06 27.79 -19.68
C4 BEN H . -6.10 26.53 -20.26
C5 BEN H . -5.45 26.29 -21.47
C6 BEN H . -4.78 27.32 -22.11
C BEN H . -4.08 29.62 -22.19
N1 BEN H . -4.31 30.89 -21.84
N2 BEN H . -3.19 29.34 -23.13
CL CL I . 16.45 10.59 -7.53
C1 EMO J . 20.45 8.25 -6.01
O1 EMO J . 19.27 8.50 -6.62
C2 EMO J . 20.84 6.96 -5.72
C3 EMO J . 22.05 6.72 -5.10
O3 EMO J . 22.42 5.44 -4.81
C4 EMO J . 22.88 7.77 -4.77
C5 EMO J . 22.50 9.08 -5.06
C6 EMO J . 23.33 10.15 -4.74
O6 EMO J . 24.41 9.95 -4.19
C7 EMO J . 22.94 11.46 -5.04
C8 EMO J . 23.77 12.52 -4.73
C9 EMO J . 23.39 13.82 -5.02
C10 EMO J . 24.32 14.97 -4.65
C16 EMO J . 22.17 14.08 -5.62
C17 EMO J . 21.36 13.01 -5.95
O17 EMO J . 20.17 13.25 -6.56
C18 EMO J . 21.73 11.69 -5.66
C19 EMO J . 20.92 10.62 -5.97
O19 EMO J . 19.84 10.79 -6.51
C20 EMO J . 21.30 9.32 -5.68
C1 BEN K . 21.64 2.20 -12.19
C2 BEN K . 22.66 1.80 -11.32
C3 BEN K . 23.45 0.70 -11.64
C4 BEN K . 23.23 0.01 -12.82
C5 BEN K . 22.22 0.39 -13.69
C6 BEN K . 21.43 1.49 -13.37
C BEN K . 20.85 3.28 -11.87
N1 BEN K . 19.88 3.68 -12.71
N2 BEN K . 21.04 3.95 -10.73
C1 BEN L . 29.44 -7.41 -22.56
C2 BEN L . 29.02 -7.89 -23.79
C3 BEN L . 28.80 -7.02 -24.86
C4 BEN L . 28.99 -5.65 -24.68
C5 BEN L . 29.42 -5.17 -23.44
C6 BEN L . 29.64 -6.05 -22.39
C BEN L . 29.67 -8.29 -21.51
N1 BEN L . 29.93 -9.56 -21.76
N2 BEN L . 29.61 -7.86 -20.25
CL CL M . 1.26 15.64 -14.32
CL CL N . 4.38 -5.67 20.28
C1 EMO O . -11.70 7.99 17.91
O1 EMO O . -11.31 9.21 17.45
C2 EMO O . -10.74 7.11 18.40
C3 EMO O . -11.11 5.86 18.88
O3 EMO O . -10.19 5.01 19.35
C4 EMO O . -12.46 5.50 18.87
C5 EMO O . -13.41 6.39 18.38
C6 EMO O . -14.74 6.02 18.38
O6 EMO O . -15.07 4.91 18.80
C7 EMO O . -15.70 6.89 17.89
C8 EMO O . -17.04 6.51 17.89
C9 EMO O . -18.00 7.39 17.41
C10 EMO O . -19.45 6.98 17.41
C16 EMO O . -17.65 8.61 16.93
C17 EMO O . -16.32 8.98 16.94
O17 EMO O . -15.99 10.20 16.47
C18 EMO O . -15.34 8.12 17.41
C19 EMO O . -14.01 8.50 17.41
O19 EMO O . -13.68 9.61 16.99
C20 EMO O . -13.04 7.63 17.89
C1 BEN P . 25.57 6.39 34.62
C2 BEN P . 24.71 7.13 35.40
C3 BEN P . 23.41 6.69 35.65
C4 BEN P . 22.98 5.48 35.09
C5 BEN P . 23.84 4.74 34.30
C6 BEN P . 25.14 5.19 34.07
C BEN P . 26.88 6.81 34.42
N1 BEN P . 27.72 6.09 33.69
N2 BEN P . 27.31 7.95 34.97
CL CL Q . -5.42 8.83 18.38
C1 BEN R . -12.03 -38.15 -3.57
C2 BEN R . -11.84 -38.89 -4.74
C3 BEN R . -12.80 -38.85 -5.74
C4 BEN R . -13.94 -38.07 -5.59
C5 BEN R . -14.12 -37.32 -4.42
C6 BEN R . -13.17 -37.37 -3.42
C BEN R . -11.09 -38.23 -2.55
N1 BEN R . -11.27 -37.52 -1.44
N2 BEN R . -10.02 -39.00 -2.69
C1 BEN S . -14.99 -31.92 -6.73
C2 BEN S . -14.83 -33.05 -5.93
C3 BEN S . -14.69 -34.30 -6.53
C4 BEN S . -14.70 -34.42 -7.91
C5 BEN S . -14.84 -33.28 -8.71
C6 BEN S . -15.00 -32.04 -8.12
C BEN S . -15.17 -30.68 -6.14
N1 BEN S . -15.62 -29.65 -6.86
N2 BEN S . -14.88 -30.50 -4.85
CL CL T . -16.92 -12.28 -5.74
CL CL U . -1.16 -18.39 -11.17
#